data_4M8S
#
_entry.id   4M8S
#
_cell.length_a   66.890
_cell.length_b   111.270
_cell.length_c   117.100
_cell.angle_alpha   90.00
_cell.angle_beta   90.00
_cell.angle_gamma   90.00
#
_symmetry.space_group_name_H-M   'P 21 21 21'
#
loop_
_entity.id
_entity.type
_entity.pdbx_description
1 polymer 'Putative 3-oxoacyl-[acyl-carrier protein] reductase'
2 water water
#
_entity_poly.entity_id   1
_entity_poly.type   'polypeptide(L)'
_entity_poly.pdbx_seq_one_letter_code
;MSTQDLSGKIALVTGASRGIGAAIADTLAAAGAKVIGTATSESGAAAISERLAQWGGEGRVLNSAEPETVENLIADIEKT
FGKLDILVNNAGITRDNLLMRMKEEEWDDIMQVNLKSVFRASKAVLRGMMKQRAGRIINITSVVGVMGNAGQTNYAAAKA
GLIGFSKSMAREVGSRGITVNCVAPGFIDTDMTRALPEETRQTFTAQTALGRFGDAQDIADAVLFLASDQAKYITGQTLH
VNGGMLMP
;
_entity_poly.pdbx_strand_id   A,B,C,D
#
# COMPACT_ATOMS: atom_id res chain seq x y z
N SER A 2 21.80 15.17 12.24
CA SER A 2 20.40 15.66 12.34
C SER A 2 20.20 17.05 11.80
N THR A 3 21.12 17.57 10.99
CA THR A 3 20.94 18.88 10.37
C THR A 3 20.55 18.68 8.89
N GLN A 4 20.10 19.76 8.26
CA GLN A 4 19.90 19.80 6.81
C GLN A 4 20.93 20.67 6.11
N ASP A 5 22.10 20.77 6.74
CA ASP A 5 23.21 21.51 6.17
C ASP A 5 23.87 20.60 5.14
N LEU A 6 23.81 21.00 3.88
CA LEU A 6 24.42 20.21 2.80
C LEU A 6 25.75 20.78 2.32
N SER A 7 26.35 21.65 3.14
CA SER A 7 27.67 22.20 2.83
C SER A 7 28.64 21.07 2.50
N GLY A 8 29.41 21.24 1.44
CA GLY A 8 30.37 20.22 1.02
C GLY A 8 29.80 19.09 0.16
N LYS A 9 28.48 19.05 0.00
CA LYS A 9 27.84 18.01 -0.83
C LYS A 9 27.70 18.50 -2.27
N ILE A 10 27.71 17.53 -3.18
CA ILE A 10 27.54 17.79 -4.61
C ILE A 10 26.25 17.10 -5.04
N ALA A 11 25.37 17.87 -5.67
CA ALA A 11 24.07 17.37 -6.14
C ALA A 11 23.82 17.59 -7.63
N LEU A 12 23.25 16.58 -8.26
CA LEU A 12 22.78 16.66 -9.63
C LEU A 12 21.26 16.56 -9.63
N VAL A 13 20.63 17.57 -10.18
CA VAL A 13 19.17 17.61 -10.31
C VAL A 13 18.82 17.68 -11.81
N THR A 14 18.26 16.59 -12.33
CA THR A 14 17.86 16.56 -13.74
C THR A 14 16.51 17.28 -13.89
N GLY A 15 16.34 18.02 -14.98
CA GLY A 15 15.07 18.72 -15.27
C GLY A 15 14.84 19.88 -14.32
N ALA A 16 15.83 20.75 -14.22
CA ALA A 16 15.83 21.83 -13.21
C ALA A 16 15.43 23.22 -13.75
N SER A 17 14.93 23.30 -14.98
CA SER A 17 14.68 24.60 -15.60
C SER A 17 13.46 25.34 -14.99
N ARG A 18 12.46 24.59 -14.54
CA ARG A 18 11.18 25.17 -14.10
C ARG A 18 10.50 24.36 -13.01
N GLY A 19 9.51 24.97 -12.37
CA GLY A 19 8.59 24.28 -11.47
C GLY A 19 9.26 23.47 -10.37
N ILE A 20 8.86 22.22 -10.24
CA ILE A 20 9.35 21.32 -9.18
C ILE A 20 10.87 21.19 -9.24
N GLY A 21 11.40 20.88 -10.43
CA GLY A 21 12.84 20.70 -10.59
C GLY A 21 13.64 21.94 -10.22
N ALA A 22 13.15 23.10 -10.63
CA ALA A 22 13.78 24.39 -10.31
C ALA A 22 13.80 24.63 -8.79
N ALA A 23 12.68 24.36 -8.15
CA ALA A 23 12.57 24.54 -6.71
C ALA A 23 13.52 23.61 -5.96
N ILE A 24 13.59 22.37 -6.42
CA ILE A 24 14.50 21.37 -5.83
C ILE A 24 15.95 21.86 -5.90
N ALA A 25 16.36 22.29 -7.08
CA ALA A 25 17.73 22.78 -7.28
C ALA A 25 18.03 23.99 -6.39
N ASP A 26 17.12 24.96 -6.37
CA ASP A 26 17.28 26.16 -5.54
C ASP A 26 17.40 25.81 -4.05
N THR A 27 16.60 24.85 -3.64
CA THR A 27 16.52 24.47 -2.22
C THR A 27 17.77 23.73 -1.75
N LEU A 28 18.23 22.77 -2.53
CA LEU A 28 19.48 22.07 -2.23
C LEU A 28 20.67 23.05 -2.24
N ALA A 29 20.65 23.97 -3.19
CA ALA A 29 21.71 24.98 -3.30
C ALA A 29 21.71 25.91 -2.08
N ALA A 30 20.53 26.41 -1.71
CA ALA A 30 20.39 27.28 -0.52
C ALA A 30 20.78 26.57 0.78
N ALA A 31 20.61 25.25 0.80
CA ALA A 31 21.04 24.43 1.95
C ALA A 31 22.55 24.20 2.00
N GLY A 32 23.27 24.65 0.97
CA GLY A 32 24.74 24.55 0.95
C GLY A 32 25.37 23.61 -0.07
N ALA A 33 24.56 22.83 -0.77
CA ALA A 33 25.10 21.92 -1.77
C ALA A 33 25.58 22.69 -3.01
N LYS A 34 26.63 22.16 -3.62
CA LYS A 34 27.00 22.53 -4.97
C LYS A 34 26.02 21.80 -5.91
N VAL A 35 25.21 22.58 -6.62
CA VAL A 35 24.14 22.00 -7.46
C VAL A 35 24.41 22.16 -8.94
N ILE A 36 24.32 21.04 -9.65
CA ILE A 36 24.27 21.03 -11.10
C ILE A 36 22.83 20.68 -11.50
N GLY A 37 22.19 21.60 -12.20
CA GLY A 37 20.84 21.40 -12.72
C GLY A 37 20.87 21.24 -14.23
N THR A 38 20.03 20.38 -14.77
CA THR A 38 20.04 20.14 -16.23
C THR A 38 18.79 20.65 -16.95
N ALA A 39 19.00 20.97 -18.22
CA ALA A 39 17.92 21.26 -19.15
C ALA A 39 18.26 20.62 -20.51
N THR A 40 17.26 20.50 -21.37
CA THR A 40 17.48 19.87 -22.69
C THR A 40 18.10 20.81 -23.73
N SER A 41 18.14 22.10 -23.41
CA SER A 41 18.63 23.12 -24.35
C SER A 41 19.67 24.04 -23.70
N GLU A 42 20.52 24.61 -24.54
CA GLU A 42 21.58 25.52 -24.09
C GLU A 42 21.00 26.76 -23.41
N SER A 43 19.87 27.22 -23.93
CA SER A 43 19.17 28.35 -23.34
C SER A 43 18.64 27.99 -21.95
N GLY A 44 18.07 26.80 -21.82
CA GLY A 44 17.62 26.28 -20.50
C GLY A 44 18.78 26.21 -19.50
N ALA A 45 19.90 25.67 -19.96
CA ALA A 45 21.08 25.51 -19.11
C ALA A 45 21.61 26.88 -18.64
N ALA A 46 21.69 27.82 -19.56
CA ALA A 46 22.11 29.20 -19.23
C ALA A 46 21.18 29.83 -18.17
N ALA A 47 19.89 29.64 -18.33
CA ALA A 47 18.90 30.16 -17.37
C ALA A 47 19.11 29.53 -15.98
N ILE A 48 19.36 28.22 -15.93
CA ILE A 48 19.65 27.55 -14.66
C ILE A 48 20.91 28.15 -14.03
N SER A 49 21.94 28.34 -14.85
CA SER A 49 23.20 28.93 -14.36
C SER A 49 22.99 30.30 -13.74
N GLU A 50 22.19 31.12 -14.40
CA GLU A 50 21.88 32.46 -13.89
C GLU A 50 21.12 32.37 -12.56
N ARG A 51 20.14 31.48 -12.52
CA ARG A 51 19.30 31.31 -11.33
C ARG A 51 20.09 30.77 -10.11
N LEU A 52 21.03 29.85 -10.36
CA LEU A 52 21.82 29.24 -9.27
C LEU A 52 23.13 29.98 -8.94
N ALA A 53 23.43 31.03 -9.70
CA ALA A 53 24.70 31.76 -9.58
C ALA A 53 24.99 32.21 -8.13
N GLN A 54 23.97 32.73 -7.45
CA GLN A 54 24.13 33.24 -6.07
C GLN A 54 24.56 32.17 -5.06
N TRP A 55 24.27 30.92 -5.38
CA TRP A 55 24.69 29.77 -4.54
C TRP A 55 25.85 28.96 -5.12
N GLY A 56 26.47 29.46 -6.17
CA GLY A 56 27.59 28.75 -6.82
C GLY A 56 27.19 27.52 -7.63
N GLY A 57 25.91 27.42 -7.96
CA GLY A 57 25.40 26.31 -8.77
C GLY A 57 25.57 26.59 -10.24
N GLU A 58 25.27 25.59 -11.07
CA GLU A 58 25.36 25.78 -12.52
C GLU A 58 24.37 24.92 -13.29
N GLY A 59 24.09 25.36 -14.50
CA GLY A 59 23.23 24.64 -15.43
C GLY A 59 24.07 23.89 -16.46
N ARG A 60 23.58 22.72 -16.86
CA ARG A 60 24.22 21.94 -17.91
C ARG A 60 23.17 21.36 -18.84
N VAL A 61 23.57 21.11 -20.08
CA VAL A 61 22.68 20.53 -21.07
C VAL A 61 22.67 19.02 -20.91
N LEU A 62 21.48 18.44 -20.90
CA LEU A 62 21.33 16.98 -20.92
C LEU A 62 20.15 16.58 -21.78
N ASN A 63 20.43 15.89 -22.87
CA ASN A 63 19.40 15.21 -23.65
C ASN A 63 19.42 13.71 -23.31
N SER A 64 18.48 13.28 -22.46
CA SER A 64 18.45 11.89 -21.94
C SER A 64 18.32 10.82 -23.02
N ALA A 65 17.72 11.20 -24.16
CA ALA A 65 17.56 10.29 -25.31
C ALA A 65 18.87 9.86 -25.95
N GLU A 66 19.87 10.73 -25.89
CA GLU A 66 21.17 10.44 -26.52
C GLU A 66 21.98 9.47 -25.68
N PRO A 67 22.63 8.50 -26.33
CA PRO A 67 23.52 7.61 -25.59
C PRO A 67 24.78 8.33 -25.09
N GLU A 68 25.24 7.92 -23.92
CA GLU A 68 26.53 8.36 -23.37
C GLU A 68 26.57 9.79 -22.84
N THR A 69 25.44 10.49 -22.90
CA THR A 69 25.41 11.89 -22.42
C THR A 69 25.30 11.97 -20.90
N VAL A 70 24.38 11.19 -20.36
CA VAL A 70 24.17 11.10 -18.92
C VAL A 70 25.47 10.69 -18.23
N GLU A 71 26.08 9.66 -18.82
CA GLU A 71 27.29 9.02 -18.30
C GLU A 71 28.46 10.00 -18.29
N ASN A 72 28.60 10.74 -19.39
CA ASN A 72 29.65 11.74 -19.51
C ASN A 72 29.48 12.90 -18.56
N LEU A 73 28.24 13.34 -18.38
CA LEU A 73 27.94 14.44 -17.46
C LEU A 73 28.33 14.08 -16.03
N ILE A 74 27.92 12.89 -15.61
CA ILE A 74 28.21 12.41 -14.25
C ILE A 74 29.71 12.24 -14.02
N ALA A 75 30.39 11.67 -15.01
CA ALA A 75 31.87 11.55 -14.95
C ALA A 75 32.52 12.92 -14.83
N ASP A 76 32.02 13.87 -15.60
CA ASP A 76 32.56 15.23 -15.58
C ASP A 76 32.36 15.89 -14.22
N ILE A 77 31.18 15.71 -13.65
CA ILE A 77 30.89 16.24 -12.31
C ILE A 77 31.84 15.63 -11.28
N GLU A 78 31.98 14.32 -11.32
CA GLU A 78 32.86 13.58 -10.40
C GLU A 78 34.28 14.11 -10.46
N LYS A 79 34.78 14.33 -11.67
CA LYS A 79 36.14 14.84 -11.89
C LYS A 79 36.31 16.29 -11.43
N THR A 80 35.32 17.12 -11.73
CA THR A 80 35.40 18.56 -11.44
C THR A 80 35.20 18.85 -9.96
N PHE A 81 34.23 18.18 -9.36
CA PHE A 81 33.84 18.44 -7.96
C PHE A 81 34.23 17.33 -6.97
N GLY A 82 34.65 16.16 -7.47
CA GLY A 82 35.30 15.12 -6.63
C GLY A 82 34.46 13.88 -6.31
N LYS A 83 33.15 14.07 -6.34
CA LYS A 83 32.19 13.04 -5.96
C LYS A 83 30.81 13.54 -6.35
N LEU A 84 29.83 12.66 -6.30
CA LEU A 84 28.42 13.05 -6.42
C LEU A 84 27.71 12.44 -5.23
N ASP A 85 27.12 13.27 -4.39
CA ASP A 85 26.49 12.82 -3.12
C ASP A 85 25.00 12.56 -3.28
N ILE A 86 24.38 13.36 -4.13
CA ILE A 86 22.93 13.39 -4.26
C ILE A 86 22.56 13.42 -5.73
N LEU A 87 21.70 12.50 -6.13
CA LEU A 87 21.10 12.48 -7.45
C LEU A 87 19.61 12.61 -7.28
N VAL A 88 19.04 13.63 -7.90
CA VAL A 88 17.59 13.79 -7.99
C VAL A 88 17.16 13.63 -9.46
N ASN A 89 16.44 12.54 -9.71
CA ASN A 89 15.90 12.26 -11.05
C ASN A 89 14.53 12.89 -11.18
N ASN A 90 14.49 14.02 -11.85
CA ASN A 90 13.24 14.76 -12.02
C ASN A 90 12.84 14.94 -13.47
N ALA A 91 13.79 14.75 -14.38
CA ALA A 91 13.53 14.92 -15.81
C ALA A 91 12.46 13.92 -16.24
N GLY A 92 11.50 14.43 -16.97
CA GLY A 92 10.40 13.58 -17.43
C GLY A 92 9.59 14.39 -18.41
N ILE A 93 8.81 13.71 -19.22
CA ILE A 93 7.87 14.35 -20.14
C ILE A 93 6.54 13.63 -20.05
N THR A 94 5.51 14.23 -20.62
CA THR A 94 4.23 13.55 -20.82
C THR A 94 3.89 13.51 -22.30
N ARG A 95 3.19 12.44 -22.66
CA ARG A 95 2.66 12.25 -24.01
C ARG A 95 1.29 11.60 -23.84
N ASP A 96 0.36 12.40 -23.34
CA ASP A 96 -0.94 11.85 -22.92
C ASP A 96 -1.82 11.44 -24.09
N ASN A 97 -2.51 10.32 -23.91
CA ASN A 97 -3.57 9.87 -24.82
C ASN A 97 -4.29 8.69 -24.21
N LEU A 98 -5.56 8.51 -24.56
CA LEU A 98 -6.26 7.28 -24.23
C LEU A 98 -5.54 6.12 -24.90
N LEU A 99 -5.47 4.98 -24.21
CA LEU A 99 -4.81 3.80 -24.76
C LEU A 99 -5.30 3.48 -26.18
N MET A 100 -6.62 3.61 -26.37
CA MET A 100 -7.28 3.30 -27.65
C MET A 100 -6.82 4.12 -28.84
N ARG A 101 -6.15 5.25 -28.60
CA ARG A 101 -5.48 5.99 -29.69
C ARG A 101 -4.01 6.34 -29.44
N MET A 102 -3.44 5.78 -28.38
CA MET A 102 -2.02 6.02 -28.08
C MET A 102 -1.12 5.48 -29.16
N LYS A 103 -0.24 6.34 -29.66
CA LYS A 103 0.75 5.93 -30.65
C LYS A 103 1.91 5.18 -30.00
N GLU A 104 2.45 4.23 -30.74
CA GLU A 104 3.62 3.50 -30.30
C GLU A 104 4.75 4.43 -29.87
N GLU A 105 4.96 5.52 -30.60
CA GLU A 105 6.03 6.47 -30.26
C GLU A 105 5.75 7.19 -28.93
N GLU A 106 4.48 7.39 -28.64
CA GLU A 106 4.06 8.02 -27.37
C GLU A 106 4.39 7.13 -26.18
N TRP A 107 4.22 5.82 -26.38
CA TRP A 107 4.65 4.82 -25.39
C TRP A 107 6.18 4.82 -25.26
N ASP A 108 6.84 4.64 -26.40
CA ASP A 108 8.30 4.47 -26.43
C ASP A 108 9.06 5.67 -25.87
N ASP A 109 8.64 6.87 -26.27
CA ASP A 109 9.32 8.10 -25.82
C ASP A 109 9.21 8.27 -24.29
N ILE A 110 8.05 7.94 -23.74
CA ILE A 110 7.84 8.02 -22.29
C ILE A 110 8.76 7.04 -21.56
N MET A 111 8.81 5.80 -22.04
CA MET A 111 9.67 4.78 -21.41
C MET A 111 11.15 5.14 -21.47
N GLN A 112 11.56 5.75 -22.58
CA GLN A 112 12.96 6.17 -22.74
C GLN A 112 13.29 7.37 -21.84
N VAL A 113 12.49 8.41 -21.94
CA VAL A 113 12.77 9.68 -21.25
C VAL A 113 12.51 9.61 -19.73
N ASN A 114 11.44 8.94 -19.34
CA ASN A 114 11.02 8.93 -17.93
C ASN A 114 11.54 7.77 -17.11
N LEU A 115 11.83 6.65 -17.75
CA LEU A 115 12.25 5.46 -17.03
C LEU A 115 13.69 5.04 -17.32
N LYS A 116 14.01 4.84 -18.60
CA LYS A 116 15.37 4.41 -18.97
C LYS A 116 16.42 5.43 -18.53
N SER A 117 16.05 6.71 -18.58
CA SER A 117 16.92 7.80 -18.13
C SER A 117 17.35 7.61 -16.68
N VAL A 118 16.43 7.13 -15.86
CA VAL A 118 16.71 6.88 -14.45
C VAL A 118 17.62 5.67 -14.28
N PHE A 119 17.37 4.61 -15.04
CA PHE A 119 18.28 3.44 -15.09
C PHE A 119 19.71 3.93 -15.38
N ARG A 120 19.85 4.73 -16.42
CA ARG A 120 21.16 5.22 -16.86
C ARG A 120 21.87 6.11 -15.83
N ALA A 121 21.15 7.09 -15.32
CA ALA A 121 21.71 8.04 -14.32
C ALA A 121 22.05 7.33 -13.01
N SER A 122 21.14 6.49 -12.55
CA SER A 122 21.34 5.78 -11.29
C SER A 122 22.52 4.82 -11.39
N LYS A 123 22.62 4.10 -12.49
CA LYS A 123 23.75 3.20 -12.73
C LYS A 123 25.06 3.98 -12.72
N ALA A 124 25.06 5.12 -13.41
CA ALA A 124 26.28 5.94 -13.56
C ALA A 124 26.84 6.52 -12.26
N VAL A 125 25.96 6.92 -11.34
CA VAL A 125 26.44 7.52 -10.07
C VAL A 125 26.87 6.47 -9.06
N LEU A 126 26.52 5.23 -9.33
CA LEU A 126 26.61 4.15 -8.34
C LEU A 126 28.05 3.82 -7.92
N ARG A 127 28.95 3.67 -8.88
CA ARG A 127 30.37 3.37 -8.63
C ARG A 127 30.96 4.35 -7.60
N GLY A 128 30.78 5.64 -7.86
CA GLY A 128 31.27 6.67 -6.95
C GLY A 128 30.64 6.62 -5.58
N MET A 129 29.32 6.49 -5.54
CA MET A 129 28.61 6.46 -4.25
C MET A 129 29.05 5.25 -3.42
N MET A 130 29.17 4.10 -4.08
CA MET A 130 29.61 2.89 -3.38
C MET A 130 31.03 3.02 -2.82
N LYS A 131 31.92 3.65 -3.58
CA LYS A 131 33.29 3.89 -3.08
C LYS A 131 33.27 4.80 -1.86
N GLN A 132 32.45 5.84 -1.90
CA GLN A 132 32.32 6.77 -0.77
C GLN A 132 31.55 6.20 0.42
N ARG A 133 30.84 5.10 0.20
CA ARG A 133 29.94 4.53 1.24
C ARG A 133 28.93 5.56 1.72
N ALA A 134 28.41 6.35 0.80
CA ALA A 134 27.45 7.40 1.13
C ALA A 134 26.74 7.83 -0.14
N GLY A 135 25.44 8.03 -0.01
CA GLY A 135 24.70 8.59 -1.12
C GLY A 135 23.22 8.73 -0.90
N ARG A 136 22.64 9.54 -1.77
CA ARG A 136 21.20 9.74 -1.85
C ARG A 136 20.78 9.73 -3.30
N ILE A 137 19.83 8.86 -3.62
CA ILE A 137 19.13 8.93 -4.88
C ILE A 137 17.65 9.16 -4.58
N ILE A 138 17.10 10.18 -5.20
CA ILE A 138 15.73 10.61 -4.96
C ILE A 138 15.04 10.78 -6.29
N ASN A 139 14.01 9.98 -6.49
CA ASN A 139 13.27 9.97 -7.74
C ASN A 139 11.93 10.65 -7.57
N ILE A 140 11.62 11.55 -8.49
CA ILE A 140 10.36 12.26 -8.46
C ILE A 140 9.37 11.46 -9.28
N THR A 141 8.37 10.92 -8.60
CA THR A 141 7.37 10.05 -9.22
C THR A 141 5.93 10.49 -8.96
N SER A 142 5.24 11.01 -9.94
CA SER A 142 3.83 11.35 -9.68
C SER A 142 2.90 10.36 -8.90
N VAL A 143 1.96 10.93 -8.15
CA VAL A 143 0.84 10.14 -7.56
C VAL A 143 0.16 9.20 -8.57
N VAL A 144 0.19 9.59 -9.84
CA VAL A 144 -0.43 8.84 -10.93
C VAL A 144 0.17 7.43 -11.05
N GLY A 145 1.43 7.32 -10.65
CA GLY A 145 2.12 6.03 -10.62
C GLY A 145 1.50 5.05 -9.63
N VAL A 146 0.87 5.57 -8.59
CA VAL A 146 0.30 4.73 -7.53
C VAL A 146 -1.19 4.51 -7.75
N MET A 147 -1.90 5.51 -8.23
CA MET A 147 -3.36 5.39 -8.36
C MET A 147 -3.85 5.18 -9.79
N GLY A 148 -2.96 5.44 -10.74
CA GLY A 148 -3.32 5.38 -12.16
C GLY A 148 -4.05 6.66 -12.57
N ASN A 149 -4.11 6.92 -13.86
CA ASN A 149 -4.83 8.09 -14.39
C ASN A 149 -5.24 7.86 -15.84
N ALA A 150 -6.52 8.07 -16.13
CA ALA A 150 -7.02 7.98 -17.51
C ALA A 150 -6.21 8.93 -18.40
N GLY A 151 -5.82 8.44 -19.56
CA GLY A 151 -5.04 9.23 -20.51
C GLY A 151 -3.54 9.11 -20.31
N GLN A 152 -3.15 8.39 -19.27
CA GLN A 152 -1.74 8.33 -18.90
C GLN A 152 -1.28 6.92 -18.60
N THR A 153 -1.74 5.94 -19.35
CA THR A 153 -1.25 4.57 -19.19
C THR A 153 0.26 4.52 -19.34
N ASN A 154 0.80 5.33 -20.24
CA ASN A 154 2.24 5.39 -20.46
C ASN A 154 3.01 6.05 -19.31
N TYR A 155 2.59 7.25 -18.95
CA TYR A 155 3.23 8.01 -17.87
C TYR A 155 3.14 7.27 -16.53
N ALA A 156 1.95 6.75 -16.25
CA ALA A 156 1.71 5.94 -15.03
C ALA A 156 2.57 4.70 -14.97
N ALA A 157 2.69 4.01 -16.09
CA ALA A 157 3.52 2.81 -16.16
C ALA A 157 4.97 3.17 -15.84
N ALA A 158 5.44 4.25 -16.45
CA ALA A 158 6.82 4.70 -16.23
C ALA A 158 7.05 5.11 -14.78
N LYS A 159 6.12 5.88 -14.23
CA LYS A 159 6.25 6.36 -12.83
C LYS A 159 6.12 5.23 -11.80
N ALA A 160 5.22 4.29 -12.05
CA ALA A 160 5.09 3.11 -11.20
C ALA A 160 6.34 2.23 -11.32
N GLY A 161 6.84 2.09 -12.55
CA GLY A 161 8.07 1.32 -12.79
C GLY A 161 9.26 1.90 -12.04
N LEU A 162 9.29 3.22 -11.99
CA LEU A 162 10.32 3.96 -11.29
C LEU A 162 10.35 3.63 -9.79
N ILE A 163 9.16 3.49 -9.21
CA ILE A 163 9.05 3.07 -7.83
C ILE A 163 9.58 1.63 -7.65
N GLY A 164 9.18 0.71 -8.51
CA GLY A 164 9.70 -0.68 -8.44
C GLY A 164 11.22 -0.74 -8.60
N PHE A 165 11.73 0.02 -9.55
CA PHE A 165 13.17 0.19 -9.75
C PHE A 165 13.87 0.66 -8.46
N SER A 166 13.31 1.72 -7.87
CA SER A 166 13.88 2.33 -6.66
C SER A 166 13.95 1.38 -5.47
N LYS A 167 12.87 0.65 -5.23
CA LYS A 167 12.84 -0.37 -4.17
C LYS A 167 13.92 -1.43 -4.38
N SER A 168 14.04 -1.91 -5.61
CA SER A 168 15.04 -2.91 -5.95
C SER A 168 16.46 -2.38 -5.77
N MET A 169 16.70 -1.18 -6.27
CA MET A 169 18.01 -0.53 -6.10
C MET A 169 18.35 -0.33 -4.62
N ALA A 170 17.36 0.13 -3.85
CA ALA A 170 17.52 0.33 -2.40
C ALA A 170 18.06 -0.95 -1.75
N ARG A 171 17.51 -2.09 -2.15
CA ARG A 171 17.93 -3.38 -1.60
C ARG A 171 19.36 -3.75 -2.03
N GLU A 172 19.79 -3.31 -3.21
CA GLU A 172 21.16 -3.58 -3.69
C GLU A 172 22.24 -2.73 -3.07
N VAL A 173 21.93 -1.48 -2.78
CA VAL A 173 22.96 -0.51 -2.42
C VAL A 173 22.95 -0.13 -0.94
N GLY A 174 21.95 -0.63 -0.23
CA GLY A 174 21.75 -0.26 1.17
C GLY A 174 22.91 -0.63 2.08
N SER A 175 23.57 -1.73 1.80
CA SER A 175 24.70 -2.18 2.65
C SER A 175 25.86 -1.18 2.64
N ARG A 176 25.90 -0.33 1.62
CA ARG A 176 26.89 0.74 1.51
C ARG A 176 26.39 2.09 2.04
N GLY A 177 25.25 2.09 2.70
CA GLY A 177 24.70 3.30 3.32
C GLY A 177 23.96 4.25 2.38
N ILE A 178 23.84 3.85 1.13
CA ILE A 178 23.13 4.64 0.11
C ILE A 178 21.62 4.43 0.26
N THR A 179 20.87 5.52 0.33
CA THR A 179 19.40 5.41 0.37
C THR A 179 18.81 5.79 -0.99
N VAL A 180 17.71 5.13 -1.31
CA VAL A 180 17.00 5.35 -2.57
C VAL A 180 15.52 5.49 -2.24
N ASN A 181 14.98 6.66 -2.54
CA ASN A 181 13.60 6.98 -2.20
C ASN A 181 12.92 7.72 -3.35
N CYS A 182 11.60 7.73 -3.29
CA CYS A 182 10.79 8.49 -4.22
C CYS A 182 9.97 9.53 -3.48
N VAL A 183 9.77 10.67 -4.15
CA VAL A 183 8.80 11.65 -3.69
C VAL A 183 7.70 11.68 -4.75
N ALA A 184 6.47 11.54 -4.27
CA ALA A 184 5.28 11.50 -5.13
C ALA A 184 4.44 12.77 -4.98
N PRO A 185 4.64 13.74 -5.88
CA PRO A 185 3.73 14.87 -5.89
C PRO A 185 2.31 14.50 -6.28
N GLY A 186 1.36 15.16 -5.63
CA GLY A 186 -0.04 15.15 -6.03
C GLY A 186 -0.34 16.26 -7.02
N PHE A 187 -1.35 17.05 -6.70
CA PHE A 187 -1.70 18.22 -7.48
C PHE A 187 -0.87 19.42 -7.05
N ILE A 188 0.17 19.69 -7.83
CA ILE A 188 1.08 20.79 -7.55
C ILE A 188 0.88 21.83 -8.64
N ASP A 189 0.93 23.11 -8.25
CA ASP A 189 0.84 24.16 -9.23
C ASP A 189 2.09 24.20 -10.13
N THR A 190 1.86 23.83 -11.39
CA THR A 190 2.90 23.87 -12.44
C THR A 190 2.38 24.64 -13.66
N ASP A 191 3.20 24.75 -14.70
CA ASP A 191 2.75 25.35 -15.97
C ASP A 191 1.48 24.69 -16.51
N MET A 192 1.43 23.37 -16.37
CA MET A 192 0.33 22.55 -16.88
C MET A 192 -0.98 22.61 -16.09
N THR A 193 -0.94 23.14 -14.86
CA THR A 193 -2.13 23.30 -13.99
C THR A 193 -2.56 24.74 -13.65
N ARG A 194 -1.57 25.62 -13.58
CA ARG A 194 -1.75 27.00 -13.12
C ARG A 194 -2.71 27.76 -14.01
N ALA A 195 -2.67 27.44 -15.29
CA ALA A 195 -3.47 28.10 -16.33
C ALA A 195 -4.80 27.38 -16.70
N LEU A 196 -5.14 26.33 -15.95
CA LEU A 196 -6.44 25.67 -16.11
C LEU A 196 -7.60 26.59 -15.70
N PRO A 197 -8.78 26.39 -16.31
CA PRO A 197 -9.95 27.14 -15.89
C PRO A 197 -10.22 26.90 -14.42
N GLU A 198 -10.74 27.94 -13.78
CA GLU A 198 -10.92 27.94 -12.34
C GLU A 198 -11.88 26.83 -11.92
N GLU A 199 -12.95 26.63 -12.68
CA GLU A 199 -13.93 25.59 -12.37
C GLU A 199 -13.27 24.21 -12.37
N THR A 200 -12.32 24.04 -13.28
CA THR A 200 -11.57 22.78 -13.38
C THR A 200 -10.55 22.61 -12.22
N ARG A 201 -9.87 23.68 -11.88
CA ARG A 201 -8.98 23.69 -10.70
C ARG A 201 -9.70 23.28 -9.40
N GLN A 202 -10.91 23.77 -9.23
CA GLN A 202 -11.74 23.44 -8.06
C GLN A 202 -12.01 21.92 -7.95
N THR A 203 -12.11 21.23 -9.09
CA THR A 203 -12.32 19.77 -9.09
C THR A 203 -11.11 19.01 -8.55
N PHE A 204 -9.91 19.53 -8.82
CA PHE A 204 -8.69 18.99 -8.20
C PHE A 204 -8.61 19.32 -6.71
N THR A 205 -8.78 20.59 -6.35
CA THR A 205 -8.62 21.01 -4.94
C THR A 205 -9.64 20.31 -4.02
N ALA A 206 -10.84 20.09 -4.54
CA ALA A 206 -11.90 19.39 -3.79
C ALA A 206 -11.48 17.98 -3.37
N GLN A 207 -10.59 17.37 -4.13
CA GLN A 207 -10.09 16.03 -3.80
C GLN A 207 -9.06 16.02 -2.67
N THR A 208 -8.52 17.19 -2.33
CA THR A 208 -7.51 17.29 -1.28
C THR A 208 -8.14 17.58 0.07
N ALA A 209 -7.49 17.12 1.13
CA ALA A 209 -7.91 17.45 2.49
C ALA A 209 -7.61 18.91 2.83
N LEU A 210 -6.53 19.45 2.26
CA LEU A 210 -6.10 20.84 2.55
C LEU A 210 -6.81 21.91 1.71
N GLY A 211 -7.51 21.48 0.68
CA GLY A 211 -8.30 22.37 -0.18
C GLY A 211 -7.51 23.31 -1.08
N ARG A 212 -6.33 22.89 -1.50
CA ARG A 212 -5.51 23.70 -2.40
C ARG A 212 -4.50 22.86 -3.17
N PHE A 213 -4.02 23.40 -4.29
CA PHE A 213 -2.88 22.86 -5.02
C PHE A 213 -1.67 23.09 -4.15
N GLY A 214 -0.75 22.15 -4.16
CA GLY A 214 0.50 22.34 -3.49
C GLY A 214 1.40 23.27 -4.31
N ASP A 215 2.54 23.58 -3.72
CA ASP A 215 3.54 24.44 -4.36
C ASP A 215 4.78 23.63 -4.65
N ALA A 216 5.45 23.96 -5.74
CA ALA A 216 6.70 23.29 -6.11
C ALA A 216 7.65 23.21 -4.90
N GLN A 217 7.65 24.26 -4.08
CA GLN A 217 8.50 24.30 -2.88
C GLN A 217 8.19 23.17 -1.88
N ASP A 218 6.94 22.73 -1.82
CA ASP A 218 6.57 21.59 -0.96
C ASP A 218 7.30 20.32 -1.35
N ILE A 219 7.48 20.12 -2.65
CA ILE A 219 8.22 18.96 -3.15
C ILE A 219 9.71 19.12 -2.83
N ALA A 220 10.23 20.31 -3.09
CA ALA A 220 11.61 20.64 -2.76
C ALA A 220 11.92 20.42 -1.27
N ASP A 221 10.99 20.83 -0.41
CA ASP A 221 11.17 20.64 1.05
C ASP A 221 11.33 19.16 1.42
N ALA A 222 10.52 18.31 0.80
CA ALA A 222 10.56 16.85 1.03
C ALA A 222 11.86 16.25 0.51
N VAL A 223 12.31 16.72 -0.64
CA VAL A 223 13.57 16.25 -1.23
C VAL A 223 14.75 16.62 -0.34
N LEU A 224 14.76 17.85 0.17
CA LEU A 224 15.80 18.29 1.11
C LEU A 224 15.84 17.40 2.36
N PHE A 225 14.68 17.11 2.93
CA PHE A 225 14.60 16.20 4.07
C PHE A 225 15.25 14.85 3.74
N LEU A 226 14.84 14.25 2.63
CA LEU A 226 15.35 12.91 2.23
C LEU A 226 16.85 12.92 1.88
N ALA A 227 17.31 14.02 1.33
CA ALA A 227 18.72 14.20 0.96
C ALA A 227 19.64 14.39 2.16
N SER A 228 19.05 14.72 3.29
CA SER A 228 19.82 15.10 4.47
C SER A 228 20.11 13.94 5.39
N ASP A 229 20.95 14.22 6.38
CA ASP A 229 21.25 13.30 7.48
C ASP A 229 20.03 12.96 8.35
N GLN A 230 18.97 13.76 8.25
CA GLN A 230 17.72 13.51 8.98
C GLN A 230 16.94 12.30 8.47
N ALA A 231 17.32 11.79 7.30
CA ALA A 231 16.63 10.66 6.65
C ALA A 231 17.55 9.48 6.38
N LYS A 232 18.57 9.32 7.20
CA LYS A 232 19.59 8.29 6.95
C LYS A 232 19.09 6.86 7.13
N TYR A 233 17.98 6.69 7.83
CA TYR A 233 17.38 5.37 8.04
C TYR A 233 16.11 5.13 7.21
N ILE A 234 15.87 6.03 6.28
CA ILE A 234 14.73 5.93 5.38
C ILE A 234 15.20 5.48 4.01
N THR A 235 14.75 4.32 3.57
CA THR A 235 15.08 3.87 2.22
C THR A 235 13.99 2.98 1.64
N GLY A 236 13.89 3.03 0.32
CA GLY A 236 12.86 2.29 -0.42
C GLY A 236 11.46 2.83 -0.26
N GLN A 237 11.34 4.08 0.16
CA GLN A 237 10.03 4.66 0.47
C GLN A 237 9.54 5.58 -0.61
N THR A 238 8.23 5.74 -0.64
CA THR A 238 7.56 6.72 -1.48
C THR A 238 6.86 7.72 -0.56
N LEU A 239 7.39 8.93 -0.52
CA LEU A 239 6.83 10.00 0.32
C LEU A 239 5.84 10.82 -0.49
N HIS A 240 4.57 10.72 -0.13
CA HIS A 240 3.50 11.38 -0.83
C HIS A 240 3.30 12.78 -0.30
N VAL A 241 3.39 13.75 -1.19
CA VAL A 241 3.24 15.16 -0.87
C VAL A 241 2.08 15.65 -1.72
N ASN A 242 0.87 15.41 -1.21
CA ASN A 242 -0.36 15.60 -2.01
C ASN A 242 -1.54 16.31 -1.35
N GLY A 243 -1.35 16.85 -0.15
CA GLY A 243 -2.43 17.57 0.53
C GLY A 243 -3.59 16.70 0.95
N GLY A 244 -3.32 15.39 1.01
CA GLY A 244 -4.32 14.40 1.38
C GLY A 244 -5.18 13.84 0.26
N MET A 245 -4.84 14.08 -0.99
CA MET A 245 -5.66 13.52 -2.08
C MET A 245 -5.51 11.99 -2.22
N LEU A 246 -4.42 11.42 -1.70
CA LEU A 246 -4.28 9.96 -1.61
C LEU A 246 -3.60 9.64 -0.27
N MET A 247 -4.18 8.73 0.49
CA MET A 247 -3.63 8.33 1.80
C MET A 247 -3.38 6.81 1.88
N PRO A 248 -2.26 6.33 1.30
CA PRO A 248 -1.94 4.90 1.26
C PRO A 248 -1.69 4.25 2.62
N THR B 3 11.69 26.39 7.02
CA THR B 3 12.62 26.13 8.17
C THR B 3 12.05 25.06 9.12
N GLN B 4 12.91 24.54 10.01
CA GLN B 4 12.49 23.68 11.13
C GLN B 4 12.58 24.38 12.47
N ASP B 5 12.45 25.70 12.42
CA ASP B 5 12.46 26.51 13.63
C ASP B 5 11.07 26.42 14.26
N LEU B 6 10.98 25.84 15.45
CA LEU B 6 9.71 25.74 16.18
C LEU B 6 9.56 26.76 17.31
N SER B 7 10.37 27.81 17.27
CA SER B 7 10.27 28.89 18.26
C SER B 7 8.84 29.38 18.35
N GLY B 8 8.36 29.58 19.56
CA GLY B 8 6.98 30.06 19.76
C GLY B 8 5.91 28.98 19.72
N LYS B 9 6.28 27.76 19.37
CA LYS B 9 5.32 26.64 19.32
C LYS B 9 5.26 25.90 20.65
N ILE B 10 4.10 25.33 20.94
CA ILE B 10 3.86 24.50 22.14
C ILE B 10 3.55 23.08 21.70
N ALA B 11 4.29 22.14 22.25
CA ALA B 11 4.18 20.72 21.89
C ALA B 11 3.94 19.81 23.11
N LEU B 12 3.04 18.87 22.93
CA LEU B 12 2.78 17.84 23.91
C LEU B 12 3.25 16.51 23.31
N VAL B 13 4.18 15.85 24.00
CA VAL B 13 4.69 14.54 23.58
C VAL B 13 4.37 13.51 24.65
N THR B 14 3.45 12.60 24.35
CA THR B 14 3.08 11.56 25.30
C THR B 14 4.11 10.44 25.28
N GLY B 15 4.42 9.89 26.45
CA GLY B 15 5.38 8.79 26.56
C GLY B 15 6.81 9.22 26.27
N ALA B 16 7.25 10.26 26.97
CA ALA B 16 8.53 10.92 26.68
C ALA B 16 9.68 10.54 27.62
N SER B 17 9.48 9.51 28.44
CA SER B 17 10.51 9.15 29.44
C SER B 17 11.77 8.54 28.86
N ARG B 18 11.61 7.74 27.81
CA ARG B 18 12.67 6.87 27.29
C ARG B 18 12.60 6.71 25.77
N GLY B 19 13.70 6.24 25.20
CA GLY B 19 13.75 5.80 23.80
C GLY B 19 13.21 6.80 22.79
N ILE B 20 12.31 6.34 21.93
CA ILE B 20 11.76 7.14 20.83
C ILE B 20 11.09 8.42 21.37
N GLY B 21 10.24 8.26 22.37
CA GLY B 21 9.53 9.40 22.94
C GLY B 21 10.46 10.46 23.53
N ALA B 22 11.49 10.00 24.24
CA ALA B 22 12.49 10.89 24.82
C ALA B 22 13.23 11.68 23.74
N ALA B 23 13.62 10.97 22.68
CA ALA B 23 14.33 11.60 21.57
C ALA B 23 13.46 12.63 20.86
N ILE B 24 12.19 12.29 20.67
CA ILE B 24 11.23 13.22 20.08
C ILE B 24 11.11 14.52 20.91
N ALA B 25 10.90 14.38 22.20
CA ALA B 25 10.76 15.53 23.10
C ALA B 25 12.02 16.42 23.07
N ASP B 26 13.17 15.79 23.19
CA ASP B 26 14.45 16.53 23.16
C ASP B 26 14.62 17.29 21.85
N THR B 27 14.26 16.64 20.75
CA THR B 27 14.46 17.18 19.40
C THR B 27 13.55 18.38 19.13
N LEU B 28 12.27 18.25 19.48
CA LEU B 28 11.33 19.38 19.35
C LEU B 28 11.73 20.54 20.26
N ALA B 29 12.19 20.22 21.45
CA ALA B 29 12.61 21.24 22.42
C ALA B 29 13.84 21.99 21.91
N ALA B 30 14.83 21.23 21.43
CA ALA B 30 16.05 21.84 20.87
C ALA B 30 15.75 22.70 19.63
N ALA B 31 14.70 22.34 18.90
CA ALA B 31 14.28 23.12 17.73
C ALA B 31 13.52 24.41 18.10
N GLY B 32 13.26 24.60 19.40
CA GLY B 32 12.64 25.85 19.89
C GLY B 32 11.25 25.75 20.49
N ALA B 33 10.62 24.58 20.40
CA ALA B 33 9.29 24.40 20.96
C ALA B 33 9.33 24.34 22.48
N LYS B 34 8.27 24.87 23.09
CA LYS B 34 7.96 24.60 24.50
C LYS B 34 7.36 23.21 24.56
N VAL B 35 8.05 22.27 25.21
CA VAL B 35 7.67 20.85 25.19
C VAL B 35 7.19 20.38 26.55
N ILE B 36 6.01 19.80 26.55
CA ILE B 36 5.48 19.06 27.70
C ILE B 36 5.57 17.58 27.35
N GLY B 37 6.36 16.84 28.10
CA GLY B 37 6.52 15.40 27.90
C GLY B 37 5.85 14.68 29.04
N THR B 38 5.21 13.54 28.76
CA THR B 38 4.50 12.82 29.81
C THR B 38 5.11 11.48 30.21
N ALA B 39 4.85 11.13 31.46
CA ALA B 39 5.16 9.82 32.03
C ALA B 39 4.00 9.38 32.92
N THR B 40 3.96 8.11 33.27
CA THR B 40 2.85 7.57 34.07
C THR B 40 2.96 7.89 35.57
N SER B 41 4.11 8.40 36.00
CA SER B 41 4.36 8.66 37.42
C SER B 41 5.05 9.99 37.63
N GLU B 42 4.89 10.54 38.83
CA GLU B 42 5.53 11.82 39.17
C GLU B 42 7.05 11.70 39.12
N SER B 43 7.56 10.53 39.45
CA SER B 43 9.01 10.26 39.30
C SER B 43 9.49 10.36 37.85
N GLY B 44 8.72 9.72 36.97
CA GLY B 44 8.97 9.84 35.52
C GLY B 44 8.91 11.29 35.03
N ALA B 45 7.90 12.00 35.51
CA ALA B 45 7.66 13.38 35.13
C ALA B 45 8.82 14.27 35.60
N ALA B 46 9.27 14.06 36.83
CA ALA B 46 10.44 14.77 37.38
C ALA B 46 11.69 14.55 36.51
N ALA B 47 11.91 13.31 36.11
CA ALA B 47 13.05 12.99 35.23
C ALA B 47 12.95 13.72 33.89
N ILE B 48 11.76 13.74 33.31
CA ILE B 48 11.54 14.47 32.04
C ILE B 48 11.83 15.96 32.28
N SER B 49 11.34 16.50 33.38
CA SER B 49 11.57 17.92 33.72
C SER B 49 13.05 18.25 33.80
N GLU B 50 13.82 17.38 34.44
CA GLU B 50 15.26 17.58 34.56
C GLU B 50 15.93 17.52 33.18
N ARG B 51 15.52 16.55 32.38
CA ARG B 51 16.08 16.37 31.03
C ARG B 51 15.78 17.55 30.07
N LEU B 52 14.58 18.10 30.17
CA LEU B 52 14.14 19.21 29.29
C LEU B 52 14.39 20.62 29.84
N ALA B 53 14.93 20.69 31.05
CA ALA B 53 15.08 21.98 31.77
C ALA B 53 15.78 23.07 30.95
N GLN B 54 16.88 22.73 30.30
CA GLN B 54 17.66 23.75 29.55
C GLN B 54 16.88 24.36 28.38
N TRP B 55 15.88 23.63 27.88
CA TRP B 55 15.04 24.09 26.78
C TRP B 55 13.68 24.62 27.23
N GLY B 56 13.50 24.73 28.53
CA GLY B 56 12.27 25.27 29.10
C GLY B 56 11.13 24.30 29.03
N GLY B 57 11.44 23.03 28.79
CA GLY B 57 10.43 21.99 28.72
C GLY B 57 10.10 21.49 30.10
N GLU B 58 9.05 20.68 30.20
CA GLU B 58 8.68 20.12 31.49
C GLU B 58 8.04 18.76 31.33
N GLY B 59 8.11 18.00 32.41
CA GLY B 59 7.48 16.71 32.47
C GLY B 59 6.18 16.81 33.23
N ARG B 60 5.20 16.04 32.79
CA ARG B 60 3.92 15.94 33.49
C ARG B 60 3.39 14.53 33.50
N VAL B 61 2.45 14.30 34.39
CA VAL B 61 1.98 12.97 34.63
C VAL B 61 0.79 12.70 33.74
N LEU B 62 0.82 11.54 33.10
CA LEU B 62 -0.31 11.06 32.35
C LEU B 62 -0.40 9.56 32.37
N ASN B 63 -1.40 9.08 33.08
CA ASN B 63 -1.75 7.69 33.07
C ASN B 63 -3.02 7.60 32.24
N SER B 64 -2.88 7.12 31.01
CA SER B 64 -4.01 7.09 30.03
C SER B 64 -5.21 6.28 30.52
N ALA B 65 -4.94 5.31 31.41
CA ALA B 65 -5.98 4.45 31.99
C ALA B 65 -6.99 5.22 32.84
N GLU B 66 -6.55 6.33 33.42
CA GLU B 66 -7.43 7.18 34.25
C GLU B 66 -8.32 8.10 33.41
N PRO B 67 -9.61 8.22 33.78
CA PRO B 67 -10.49 9.15 33.09
C PRO B 67 -10.19 10.61 33.41
N GLU B 68 -10.34 11.49 32.43
CA GLU B 68 -10.28 12.95 32.64
C GLU B 68 -8.88 13.50 32.86
N THR B 69 -7.87 12.63 32.81
CA THR B 69 -6.49 13.06 33.07
C THR B 69 -5.90 13.75 31.85
N VAL B 70 -6.08 13.13 30.69
CA VAL B 70 -5.63 13.69 29.42
C VAL B 70 -6.22 15.08 29.21
N GLU B 71 -7.52 15.15 29.44
CA GLU B 71 -8.33 16.33 29.20
C GLU B 71 -7.92 17.49 30.12
N ASN B 72 -7.72 17.15 31.39
CA ASN B 72 -7.27 18.13 32.40
C ASN B 72 -5.86 18.66 32.11
N LEU B 73 -4.99 17.77 31.68
CA LEU B 73 -3.62 18.16 31.33
C LEU B 73 -3.60 19.17 30.19
N ILE B 74 -4.33 18.86 29.14
CA ILE B 74 -4.39 19.72 27.95
C ILE B 74 -5.02 21.07 28.30
N ALA B 75 -6.07 21.05 29.12
CA ALA B 75 -6.71 22.31 29.60
C ALA B 75 -5.74 23.16 30.41
N ASP B 76 -4.98 22.49 31.26
CA ASP B 76 -3.97 23.17 32.07
C ASP B 76 -2.89 23.80 31.19
N ILE B 77 -2.42 23.06 30.19
CA ILE B 77 -1.41 23.59 29.26
C ILE B 77 -1.96 24.84 28.56
N GLU B 78 -3.18 24.72 28.07
CA GLU B 78 -3.84 25.82 27.33
C GLU B 78 -3.93 27.09 28.16
N LYS B 79 -4.28 26.94 29.43
CA LYS B 79 -4.39 28.07 30.36
C LYS B 79 -3.01 28.65 30.72
N THR B 80 -2.04 27.79 30.96
CA THR B 80 -0.72 28.19 31.49
C THR B 80 0.23 28.73 30.43
N PHE B 81 0.31 28.04 29.29
CA PHE B 81 1.29 28.34 28.25
C PHE B 81 0.69 28.84 26.95
N GLY B 82 -0.50 28.32 26.64
CA GLY B 82 -1.24 28.67 25.44
C GLY B 82 -1.73 27.48 24.65
N LYS B 83 -2.40 27.74 23.54
CA LYS B 83 -2.98 26.68 22.70
C LYS B 83 -1.89 25.78 22.14
N LEU B 84 -2.20 24.49 21.99
CA LEU B 84 -1.17 23.53 21.56
C LEU B 84 -0.99 23.63 20.05
N ASP B 85 0.26 23.63 19.60
CA ASP B 85 0.54 23.63 18.15
C ASP B 85 0.80 22.22 17.62
N ILE B 86 1.39 21.39 18.46
CA ILE B 86 1.89 20.08 18.07
C ILE B 86 1.50 19.07 19.13
N LEU B 87 0.90 17.99 18.68
CA LEU B 87 0.64 16.84 19.54
C LEU B 87 1.33 15.63 18.92
N VAL B 88 2.20 15.00 19.69
CA VAL B 88 2.82 13.74 19.31
C VAL B 88 2.32 12.65 20.24
N ASN B 89 1.55 11.74 19.66
CA ASN B 89 1.03 10.59 20.39
C ASN B 89 2.00 9.42 20.27
N ASN B 90 2.78 9.22 21.33
CA ASN B 90 3.79 8.17 21.37
C ASN B 90 3.57 7.13 22.45
N ALA B 91 2.76 7.46 23.44
CA ALA B 91 2.51 6.56 24.55
C ALA B 91 1.94 5.27 24.00
N GLY B 92 2.48 4.15 24.46
CA GLY B 92 2.01 2.84 24.03
C GLY B 92 2.69 1.77 24.84
N ILE B 93 2.06 0.61 24.89
CA ILE B 93 2.61 -0.56 25.57
C ILE B 93 2.45 -1.77 24.67
N THR B 94 3.12 -2.85 25.02
CA THR B 94 2.85 -4.16 24.41
C THR B 94 2.42 -5.15 25.46
N ARG B 95 1.57 -6.08 25.03
CA ARG B 95 1.09 -7.20 25.84
C ARG B 95 1.01 -8.40 24.92
N ASP B 96 2.18 -8.88 24.50
CA ASP B 96 2.28 -9.90 23.48
C ASP B 96 1.76 -11.26 23.98
N ASN B 97 1.04 -11.93 23.11
CA ASN B 97 0.58 -13.29 23.38
C ASN B 97 0.01 -13.87 22.13
N LEU B 98 0.04 -15.18 22.03
CA LEU B 98 -0.67 -15.87 20.97
C LEU B 98 -2.16 -15.65 21.17
N LEU B 99 -2.87 -15.44 20.07
CA LEU B 99 -4.32 -15.22 20.13
C LEU B 99 -5.03 -16.31 20.94
N MET B 100 -4.56 -17.54 20.74
CA MET B 100 -5.09 -18.71 21.41
C MET B 100 -5.25 -18.58 22.92
N ARG B 101 -4.28 -17.91 23.55
CA ARG B 101 -4.27 -17.72 25.02
C ARG B 101 -4.38 -16.26 25.45
N MET B 102 -4.55 -15.36 24.49
CA MET B 102 -4.61 -13.94 24.84
C MET B 102 -5.76 -13.66 25.79
N LYS B 103 -5.42 -13.03 26.91
CA LYS B 103 -6.40 -12.63 27.90
C LYS B 103 -7.18 -11.40 27.44
N GLU B 104 -8.43 -11.36 27.84
CA GLU B 104 -9.30 -10.22 27.57
C GLU B 104 -8.65 -8.90 27.98
N GLU B 105 -7.98 -8.90 29.13
CA GLU B 105 -7.33 -7.69 29.66
C GLU B 105 -6.15 -7.27 28.77
N GLU B 106 -5.46 -8.24 28.17
CA GLU B 106 -4.34 -7.98 27.26
C GLU B 106 -4.83 -7.29 25.99
N TRP B 107 -6.01 -7.67 25.52
CA TRP B 107 -6.66 -7.00 24.40
C TRP B 107 -7.11 -5.60 24.83
N ASP B 108 -7.89 -5.54 25.89
CA ASP B 108 -8.51 -4.28 26.35
C ASP B 108 -7.49 -3.23 26.73
N ASP B 109 -6.45 -3.63 27.46
CA ASP B 109 -5.42 -2.69 27.92
C ASP B 109 -4.67 -2.07 26.73
N ILE B 110 -4.38 -2.89 25.72
CA ILE B 110 -3.72 -2.41 24.50
C ILE B 110 -4.61 -1.38 23.81
N MET B 111 -5.89 -1.71 23.63
CA MET B 111 -6.81 -0.81 22.94
C MET B 111 -6.98 0.51 23.70
N GLN B 112 -6.98 0.44 25.03
CA GLN B 112 -7.14 1.61 25.87
C GLN B 112 -5.90 2.49 25.83
N VAL B 113 -4.74 1.91 26.10
CA VAL B 113 -3.48 2.64 26.21
C VAL B 113 -2.96 3.10 24.84
N ASN B 114 -3.08 2.25 23.83
CA ASN B 114 -2.45 2.53 22.53
C ASN B 114 -3.34 3.23 21.52
N LEU B 115 -4.66 3.06 21.64
CA LEU B 115 -5.61 3.59 20.66
C LEU B 115 -6.59 4.64 21.23
N LYS B 116 -7.32 4.28 22.28
CA LYS B 116 -8.27 5.22 22.89
C LYS B 116 -7.57 6.47 23.39
N SER B 117 -6.34 6.31 23.89
CA SER B 117 -5.51 7.43 24.36
C SER B 117 -5.35 8.49 23.26
N VAL B 118 -5.22 8.02 22.03
CA VAL B 118 -5.04 8.90 20.88
C VAL B 118 -6.35 9.62 20.54
N PHE B 119 -7.46 8.88 20.58
CA PHE B 119 -8.79 9.49 20.46
C PHE B 119 -8.94 10.65 21.46
N ARG B 120 -8.65 10.36 22.73
CA ARG B 120 -8.84 11.33 23.83
C ARG B 120 -7.96 12.57 23.68
N ALA B 121 -6.67 12.35 23.46
CA ALA B 121 -5.71 13.46 23.32
C ALA B 121 -5.99 14.29 22.07
N SER B 122 -6.22 13.64 20.94
CA SER B 122 -6.48 14.32 19.66
C SER B 122 -7.75 15.17 19.76
N LYS B 123 -8.79 14.62 20.37
CA LYS B 123 -10.03 15.37 20.55
C LYS B 123 -9.80 16.61 21.41
N ALA B 124 -9.09 16.41 22.52
CA ALA B 124 -8.90 17.45 23.53
C ALA B 124 -8.10 18.64 23.02
N VAL B 125 -7.09 18.41 22.18
CA VAL B 125 -6.28 19.53 21.63
C VAL B 125 -6.94 20.29 20.52
N LEU B 126 -7.98 19.70 19.96
CA LEU B 126 -8.47 20.11 18.64
C LEU B 126 -9.04 21.53 18.61
N ARG B 127 -9.91 21.84 19.56
CA ARG B 127 -10.53 23.18 19.62
C ARG B 127 -9.48 24.31 19.59
N GLY B 128 -8.53 24.20 20.50
CA GLY B 128 -7.43 25.16 20.58
C GLY B 128 -6.54 25.18 19.34
N MET B 129 -6.17 24.00 18.88
CA MET B 129 -5.26 23.91 17.74
C MET B 129 -5.91 24.51 16.46
N MET B 130 -7.19 24.27 16.27
CA MET B 130 -7.93 24.97 15.20
C MET B 130 -7.75 26.51 15.20
N LYS B 131 -7.60 27.08 16.38
CA LYS B 131 -7.30 28.52 16.52
C LYS B 131 -5.94 28.92 15.97
N GLN B 132 -4.96 28.04 16.11
CA GLN B 132 -3.59 28.32 15.64
C GLN B 132 -3.46 28.34 14.10
N ARG B 133 -2.52 28.97 13.55
CA ARG B 133 -2.25 28.93 12.11
C ARG B 133 -1.81 27.56 11.59
N ALA B 134 -0.98 26.82 12.31
CA ALA B 134 -0.30 25.64 11.77
C ALA B 134 -0.23 24.41 12.71
N GLY B 135 -1.38 23.75 12.86
CA GLY B 135 -1.50 22.55 13.72
C GLY B 135 -0.80 21.33 13.17
N ARG B 136 -0.28 20.50 14.07
CA ARG B 136 0.33 19.23 13.73
C ARG B 136 -0.05 18.16 14.73
N ILE B 137 -0.57 17.06 14.21
CA ILE B 137 -0.74 15.87 15.04
C ILE B 137 0.07 14.78 14.37
N ILE B 138 0.93 14.16 15.16
CA ILE B 138 1.84 13.14 14.67
C ILE B 138 1.74 11.92 15.56
N ASN B 139 1.32 10.82 14.95
CA ASN B 139 1.11 9.57 15.68
C ASN B 139 2.20 8.57 15.39
N ILE B 140 2.76 8.01 16.46
CA ILE B 140 3.83 7.03 16.30
C ILE B 140 3.16 5.66 16.22
N THR B 141 3.27 5.05 15.05
CA THR B 141 2.68 3.74 14.82
C THR B 141 3.86 2.81 14.63
N SER B 142 3.66 1.50 14.55
CA SER B 142 4.76 0.57 14.28
C SER B 142 4.57 -0.05 12.92
N VAL B 143 5.67 -0.45 12.31
CA VAL B 143 5.62 -1.29 11.10
C VAL B 143 4.66 -2.49 11.22
N VAL B 144 4.54 -3.02 12.43
CA VAL B 144 3.68 -4.18 12.73
C VAL B 144 2.20 -3.88 12.40
N GLY B 145 1.82 -2.61 12.50
CA GLY B 145 0.48 -2.15 12.13
C GLY B 145 0.17 -2.32 10.65
N VAL B 146 1.21 -2.30 9.83
CA VAL B 146 1.05 -2.41 8.38
C VAL B 146 1.29 -3.83 7.89
N MET B 147 2.24 -4.55 8.47
CA MET B 147 2.54 -5.88 7.96
C MET B 147 2.01 -7.02 8.82
N GLY B 148 1.59 -6.69 10.04
CA GLY B 148 1.14 -7.70 11.01
C GLY B 148 2.33 -8.38 11.65
N ASN B 149 2.10 -9.05 12.77
CA ASN B 149 3.14 -9.82 13.45
C ASN B 149 2.54 -10.90 14.36
N ALA B 150 2.98 -12.14 14.19
CA ALA B 150 2.56 -13.24 15.07
C ALA B 150 2.85 -12.88 16.53
N GLY B 151 1.92 -13.17 17.42
CA GLY B 151 2.03 -12.85 18.85
C GLY B 151 1.59 -11.43 19.20
N GLN B 152 1.22 -10.66 18.18
CA GLN B 152 0.86 -9.26 18.38
C GLN B 152 -0.44 -8.86 17.68
N THR B 153 -1.42 -9.75 17.68
CA THR B 153 -2.73 -9.41 17.12
C THR B 153 -3.30 -8.15 17.76
N ASN B 154 -3.09 -8.01 19.07
CA ASN B 154 -3.58 -6.83 19.80
C ASN B 154 -2.84 -5.55 19.44
N TYR B 155 -1.52 -5.59 19.53
CA TYR B 155 -0.68 -4.43 19.23
C TYR B 155 -0.84 -3.97 17.78
N ALA B 156 -0.83 -4.94 16.88
CA ALA B 156 -1.01 -4.67 15.45
C ALA B 156 -2.36 -4.04 15.16
N ALA B 157 -3.40 -4.55 15.81
CA ALA B 157 -4.74 -4.01 15.60
C ALA B 157 -4.82 -2.55 16.06
N ALA B 158 -4.24 -2.27 17.22
CA ALA B 158 -4.21 -0.92 17.75
C ALA B 158 -3.41 0.04 16.86
N LYS B 159 -2.23 -0.39 16.43
CA LYS B 159 -1.37 0.45 15.59
C LYS B 159 -1.93 0.66 14.18
N ALA B 160 -2.54 -0.37 13.62
CA ALA B 160 -3.24 -0.22 12.35
C ALA B 160 -4.45 0.70 12.51
N GLY B 161 -5.18 0.53 13.61
CA GLY B 161 -6.33 1.39 13.89
C GLY B 161 -5.96 2.86 14.00
N LEU B 162 -4.81 3.09 14.59
CA LEU B 162 -4.24 4.42 14.73
C LEU B 162 -4.04 5.11 13.37
N ILE B 163 -3.58 4.32 12.40
CA ILE B 163 -3.43 4.82 11.03
C ILE B 163 -4.80 5.17 10.43
N GLY B 164 -5.77 4.28 10.56
CA GLY B 164 -7.14 4.59 10.07
C GLY B 164 -7.73 5.84 10.72
N PHE B 165 -7.59 5.93 12.03
CA PHE B 165 -7.97 7.14 12.78
C PHE B 165 -7.35 8.42 12.21
N SER B 166 -6.03 8.36 12.01
CA SER B 166 -5.27 9.51 11.50
C SER B 166 -5.71 10.00 10.13
N LYS B 167 -5.91 9.06 9.20
CA LYS B 167 -6.41 9.39 7.87
C LYS B 167 -7.77 10.10 7.95
N SER B 168 -8.65 9.57 8.78
CA SER B 168 -9.99 10.16 8.95
C SER B 168 -9.92 11.55 9.55
N MET B 169 -9.11 11.70 10.60
CA MET B 169 -8.93 12.99 11.23
C MET B 169 -8.35 14.01 10.25
N ALA B 170 -7.36 13.58 9.47
CA ALA B 170 -6.73 14.44 8.45
C ALA B 170 -7.77 15.04 7.52
N ARG B 171 -8.74 14.22 7.14
CA ARG B 171 -9.82 14.67 6.26
C ARG B 171 -10.75 15.67 6.95
N GLU B 172 -10.90 15.57 8.26
CA GLU B 172 -11.78 16.48 9.01
C GLU B 172 -11.19 17.85 9.29
N VAL B 173 -9.88 17.90 9.52
CA VAL B 173 -9.25 19.09 10.10
C VAL B 173 -8.41 19.87 9.13
N GLY B 174 -8.25 19.34 7.92
CA GLY B 174 -7.42 20.00 6.90
C GLY B 174 -7.79 21.43 6.55
N SER B 175 -9.08 21.75 6.54
CA SER B 175 -9.53 23.12 6.20
C SER B 175 -9.05 24.17 7.20
N ARG B 176 -8.65 23.73 8.39
CA ARG B 176 -8.07 24.60 9.40
C ARG B 176 -6.54 24.60 9.39
N GLY B 177 -5.94 23.99 8.37
CA GLY B 177 -4.49 24.00 8.21
C GLY B 177 -3.74 23.00 9.10
N ILE B 178 -4.50 22.15 9.78
CA ILE B 178 -3.93 21.08 10.59
C ILE B 178 -3.59 19.84 9.75
N THR B 179 -2.36 19.36 9.87
CA THR B 179 -1.98 18.08 9.25
C THR B 179 -1.93 16.98 10.30
N VAL B 180 -2.26 15.77 9.86
CA VAL B 180 -2.26 14.60 10.71
C VAL B 180 -1.52 13.51 9.97
N ASN B 181 -0.43 13.05 10.56
CA ASN B 181 0.43 12.04 9.96
C ASN B 181 0.89 11.01 10.98
N CYS B 182 1.33 9.86 10.46
CA CYS B 182 1.94 8.83 11.28
C CYS B 182 3.39 8.62 10.88
N VAL B 183 4.19 8.27 11.87
CA VAL B 183 5.55 7.78 11.64
C VAL B 183 5.59 6.32 12.10
N ALA B 184 6.06 5.45 11.20
CA ALA B 184 6.12 4.01 11.44
C ALA B 184 7.55 3.51 11.62
N PRO B 185 8.01 3.37 12.87
CA PRO B 185 9.32 2.81 13.10
C PRO B 185 9.36 1.32 12.75
N GLY B 186 10.49 0.91 12.23
CA GLY B 186 10.81 -0.50 12.05
C GLY B 186 11.59 -1.03 13.25
N PHE B 187 12.73 -1.65 12.99
CA PHE B 187 13.63 -2.14 14.03
C PHE B 187 14.52 -1.01 14.51
N ILE B 188 14.12 -0.42 15.63
CA ILE B 188 14.84 0.67 16.26
C ILE B 188 15.47 0.09 17.51
N ASP B 189 16.74 0.38 17.71
CA ASP B 189 17.43 -0.19 18.87
C ASP B 189 16.84 0.36 20.18
N THR B 190 16.53 -0.57 21.07
CA THR B 190 16.08 -0.28 22.42
C THR B 190 16.94 -1.13 23.32
N ASP B 191 16.77 -0.96 24.62
CA ASP B 191 17.51 -1.78 25.59
C ASP B 191 17.28 -3.26 25.36
N MET B 192 16.05 -3.62 25.07
CA MET B 192 15.67 -5.02 24.90
C MET B 192 16.27 -5.63 23.63
N THR B 193 16.42 -4.84 22.57
CA THR B 193 17.05 -5.37 21.35
C THR B 193 18.56 -5.33 21.50
N ARG B 194 19.06 -4.35 22.25
CA ARG B 194 20.52 -4.19 22.46
C ARG B 194 21.09 -5.40 23.19
N ALA B 195 20.28 -5.98 24.07
CA ALA B 195 20.59 -7.21 24.85
C ALA B 195 20.67 -8.46 24.03
N LEU B 196 20.01 -8.49 22.89
CA LEU B 196 19.94 -9.72 22.13
C LEU B 196 21.35 -10.18 21.81
N PRO B 197 21.56 -11.50 21.71
CA PRO B 197 22.86 -12.00 21.27
C PRO B 197 23.20 -11.43 19.90
N GLU B 198 24.49 -11.24 19.61
CA GLU B 198 24.90 -10.67 18.31
C GLU B 198 24.38 -11.50 17.14
N GLU B 199 24.46 -12.82 17.26
CA GLU B 199 23.95 -13.72 16.23
C GLU B 199 22.44 -13.51 16.00
N THR B 200 21.73 -13.22 17.08
CA THR B 200 20.27 -12.93 17.02
C THR B 200 19.97 -11.57 16.39
N ARG B 201 20.77 -10.57 16.73
CA ARG B 201 20.65 -9.25 16.08
C ARG B 201 20.73 -9.35 14.55
N GLN B 202 21.60 -10.24 14.05
CA GLN B 202 21.74 -10.49 12.61
C GLN B 202 20.44 -10.87 11.88
N THR B 203 19.55 -11.61 12.53
CA THR B 203 18.29 -12.03 11.86
C THR B 203 17.35 -10.84 11.60
N PHE B 204 17.38 -9.89 12.51
CA PHE B 204 16.63 -8.65 12.32
C PHE B 204 17.29 -7.77 11.25
N THR B 205 18.59 -7.56 11.37
CA THR B 205 19.29 -6.66 10.43
C THR B 205 19.25 -7.18 9.00
N ALA B 206 19.29 -8.50 8.84
CA ALA B 206 19.19 -9.14 7.52
C ALA B 206 17.90 -8.79 6.78
N GLN B 207 16.86 -8.48 7.53
CA GLN B 207 15.57 -8.06 6.94
C GLN B 207 15.59 -6.64 6.39
N THR B 208 16.54 -5.82 6.83
CA THR B 208 16.66 -4.43 6.38
C THR B 208 17.57 -4.31 5.15
N ALA B 209 17.31 -3.30 4.34
CA ALA B 209 18.19 -3.00 3.21
C ALA B 209 19.50 -2.37 3.67
N LEU B 210 19.43 -1.61 4.76
CA LEU B 210 20.63 -0.89 5.26
C LEU B 210 21.54 -1.77 6.11
N GLY B 211 21.04 -2.93 6.53
CA GLY B 211 21.82 -3.91 7.26
C GLY B 211 22.14 -3.52 8.69
N ARG B 212 21.25 -2.76 9.31
CA ARG B 212 21.43 -2.33 10.70
C ARG B 212 20.12 -1.90 11.35
N PHE B 213 20.11 -1.90 12.68
CA PHE B 213 19.02 -1.34 13.48
C PHE B 213 19.08 0.18 13.34
N GLY B 214 17.92 0.82 13.43
CA GLY B 214 17.85 2.28 13.50
C GLY B 214 18.03 2.81 14.91
N ASP B 215 18.05 4.14 15.01
CA ASP B 215 18.19 4.84 16.29
C ASP B 215 16.93 5.60 16.62
N ALA B 216 16.64 5.75 17.91
CA ALA B 216 15.50 6.58 18.36
C ALA B 216 15.52 7.95 17.70
N GLN B 217 16.72 8.51 17.54
CA GLN B 217 16.89 9.83 16.90
C GLN B 217 16.37 9.87 15.45
N ASP B 218 16.45 8.74 14.74
CA ASP B 218 15.92 8.68 13.37
C ASP B 218 14.42 8.95 13.34
N ILE B 219 13.72 8.44 14.35
CA ILE B 219 12.28 8.67 14.45
C ILE B 219 12.02 10.14 14.82
N ALA B 220 12.78 10.63 15.80
CA ALA B 220 12.70 12.06 16.20
C ALA B 220 12.94 13.00 15.02
N ASP B 221 13.90 12.66 14.16
CA ASP B 221 14.22 13.50 13.00
C ASP B 221 13.02 13.60 12.05
N ALA B 222 12.36 12.46 11.84
CA ALA B 222 11.16 12.39 10.98
C ALA B 222 10.01 13.20 11.58
N VAL B 223 9.85 13.10 12.90
CA VAL B 223 8.79 13.83 13.59
C VAL B 223 9.01 15.35 13.47
N LEU B 224 10.26 15.78 13.66
CA LEU B 224 10.60 17.20 13.51
C LEU B 224 10.27 17.71 12.09
N PHE B 225 10.62 16.93 11.08
CA PHE B 225 10.28 17.26 9.69
C PHE B 225 8.77 17.47 9.54
N LEU B 226 8.00 16.49 10.00
CA LEU B 226 6.53 16.56 9.88
C LEU B 226 5.90 17.69 10.68
N ALA B 227 6.49 17.98 11.83
CA ALA B 227 6.02 19.07 12.72
C ALA B 227 6.30 20.45 12.16
N SER B 228 7.18 20.53 11.18
CA SER B 228 7.65 21.81 10.69
C SER B 228 6.88 22.33 9.49
N ASP B 229 7.19 23.58 9.13
CA ASP B 229 6.68 24.20 7.90
C ASP B 229 7.12 23.49 6.61
N GLN B 230 8.14 22.65 6.71
CA GLN B 230 8.63 21.88 5.54
C GLN B 230 7.67 20.77 5.10
N ALA B 231 6.68 20.48 5.94
CA ALA B 231 5.72 19.39 5.67
C ALA B 231 4.28 19.90 5.65
N LYS B 232 4.09 21.15 5.27
CA LYS B 232 2.75 21.76 5.31
C LYS B 232 1.74 21.17 4.32
N TYR B 233 2.24 20.50 3.28
CA TYR B 233 1.36 19.88 2.27
C TYR B 233 1.32 18.36 2.39
N ILE B 234 1.86 17.84 3.49
CA ILE B 234 1.84 16.41 3.78
C ILE B 234 0.80 16.12 4.85
N THR B 235 -0.23 15.36 4.49
CA THR B 235 -1.22 14.95 5.47
C THR B 235 -1.87 13.63 5.11
N GLY B 236 -2.28 12.92 6.17
CA GLY B 236 -2.83 11.57 6.06
C GLY B 236 -1.83 10.50 5.66
N GLN B 237 -0.54 10.77 5.87
CA GLN B 237 0.52 9.87 5.43
C GLN B 237 1.10 9.04 6.56
N THR B 238 1.67 7.90 6.19
CA THR B 238 2.46 7.07 7.08
C THR B 238 3.90 7.05 6.57
N LEU B 239 4.78 7.70 7.29
CA LEU B 239 6.19 7.77 6.93
C LEU B 239 6.96 6.64 7.61
N HIS B 240 7.44 5.69 6.81
CA HIS B 240 8.13 4.51 7.31
C HIS B 240 9.61 4.80 7.45
N VAL B 241 10.11 4.62 8.68
CA VAL B 241 11.50 4.86 9.03
C VAL B 241 11.99 3.50 9.53
N ASN B 242 12.34 2.63 8.59
CA ASN B 242 12.64 1.22 8.90
C ASN B 242 13.90 0.60 8.26
N GLY B 243 14.73 1.40 7.60
CA GLY B 243 15.93 0.87 6.95
C GLY B 243 15.66 -0.04 5.77
N GLY B 244 14.46 0.05 5.23
CA GLY B 244 14.03 -0.77 4.11
C GLY B 244 13.46 -2.15 4.45
N MET B 245 13.09 -2.39 5.71
CA MET B 245 12.48 -3.70 6.06
C MET B 245 11.09 -3.88 5.45
N LEU B 246 10.41 -2.78 5.17
CA LEU B 246 9.15 -2.81 4.43
C LEU B 246 9.11 -1.61 3.49
N MET B 247 8.78 -1.87 2.23
CA MET B 247 8.70 -0.85 1.19
C MET B 247 7.32 -0.84 0.52
N PRO B 248 6.33 -0.20 1.17
CA PRO B 248 4.98 -0.12 0.61
C PRO B 248 4.87 0.67 -0.71
N SER C 2 -23.92 -15.20 -10.60
CA SER C 2 -22.48 -15.21 -10.19
C SER C 2 -21.86 -16.64 -10.17
N THR C 3 -21.73 -17.16 -11.37
CA THR C 3 -21.11 -18.47 -11.62
C THR C 3 -19.70 -18.26 -12.19
N GLN C 4 -18.94 -19.34 -12.27
CA GLN C 4 -17.65 -19.35 -13.02
C GLN C 4 -17.75 -20.15 -14.30
N ASP C 5 -18.94 -20.21 -14.85
CA ASP C 5 -19.18 -20.87 -16.12
C ASP C 5 -18.76 -19.93 -17.24
N LEU C 6 -17.73 -20.29 -17.96
CA LEU C 6 -17.23 -19.44 -19.05
C LEU C 6 -17.65 -19.94 -20.44
N SER C 7 -18.67 -20.81 -20.47
CA SER C 7 -19.23 -21.28 -21.74
C SER C 7 -19.51 -20.11 -22.68
N GLY C 8 -19.11 -20.25 -23.95
CA GLY C 8 -19.36 -19.21 -24.93
C GLY C 8 -18.38 -18.05 -24.90
N LYS C 9 -17.47 -18.04 -23.94
CA LYS C 9 -16.44 -17.00 -23.86
C LYS C 9 -15.21 -17.41 -24.66
N ILE C 10 -14.50 -16.41 -25.16
CA ILE C 10 -13.25 -16.59 -25.88
C ILE C 10 -12.13 -15.92 -25.11
N ALA C 11 -11.08 -16.69 -24.84
CA ALA C 11 -9.95 -16.22 -24.05
C ALA C 11 -8.61 -16.38 -24.77
N LEU C 12 -7.78 -15.36 -24.63
CA LEU C 12 -6.40 -15.39 -25.11
C LEU C 12 -5.46 -15.34 -23.90
N VAL C 13 -4.64 -16.36 -23.78
CA VAL C 13 -3.64 -16.44 -22.70
C VAL C 13 -2.24 -16.44 -23.31
N THR C 14 -1.50 -15.35 -23.12
CA THR C 14 -0.12 -15.28 -23.64
C THR C 14 0.83 -16.00 -22.68
N GLY C 15 1.81 -16.68 -23.24
CA GLY C 15 2.79 -17.42 -22.45
C GLY C 15 2.20 -18.64 -21.75
N ALA C 16 1.51 -19.48 -22.52
CA ALA C 16 0.74 -20.60 -21.96
C ALA C 16 1.43 -21.97 -22.03
N SER C 17 2.71 -22.01 -22.37
CA SER C 17 3.39 -23.30 -22.61
C SER C 17 3.69 -24.10 -21.33
N ARG C 18 3.96 -23.40 -20.23
CA ARG C 18 4.43 -24.04 -18.99
C ARG C 18 3.98 -23.29 -17.74
N GLY C 19 4.06 -23.98 -16.61
CA GLY C 19 3.83 -23.41 -15.29
C GLY C 19 2.52 -22.64 -15.16
N ILE C 20 2.64 -21.41 -14.70
CA ILE C 20 1.48 -20.56 -14.38
C ILE C 20 0.60 -20.36 -15.62
N GLY C 21 1.22 -19.98 -16.74
CA GLY C 21 0.47 -19.75 -17.97
C GLY C 21 -0.28 -20.98 -18.46
N ALA C 22 0.37 -22.13 -18.38
CA ALA C 22 -0.24 -23.41 -18.74
C ALA C 22 -1.45 -23.74 -17.86
N ALA C 23 -1.29 -23.53 -16.55
CA ALA C 23 -2.38 -23.79 -15.61
C ALA C 23 -3.56 -22.86 -15.88
N ILE C 24 -3.25 -21.60 -16.15
CA ILE C 24 -4.29 -20.61 -16.46
C ILE C 24 -5.12 -21.06 -17.67
N ALA C 25 -4.44 -21.43 -18.75
CA ALA C 25 -5.11 -21.84 -19.98
C ALA C 25 -5.98 -23.08 -19.76
N ASP C 26 -5.43 -24.07 -19.07
CA ASP C 26 -6.18 -25.30 -18.75
C ASP C 26 -7.43 -25.00 -17.93
N THR C 27 -7.27 -24.09 -16.98
CA THR C 27 -8.36 -23.76 -16.05
C THR C 27 -9.50 -23.02 -16.72
N LEU C 28 -9.17 -22.00 -17.51
CA LEU C 28 -10.19 -21.26 -18.27
C LEU C 28 -10.89 -22.20 -19.28
N ALA C 29 -10.11 -23.07 -19.89
CA ALA C 29 -10.66 -24.03 -20.86
C ALA C 29 -11.61 -25.01 -20.17
N ALA C 30 -11.19 -25.56 -19.03
CA ALA C 30 -12.02 -26.49 -18.25
C ALA C 30 -13.30 -25.83 -17.72
N ALA C 31 -13.24 -24.52 -17.48
CA ALA C 31 -14.42 -23.74 -17.09
C ALA C 31 -15.39 -23.46 -18.23
N GLY C 32 -15.01 -23.83 -19.45
CA GLY C 32 -15.90 -23.69 -20.63
C GLY C 32 -15.48 -22.69 -21.71
N ALA C 33 -14.44 -21.91 -21.47
CA ALA C 33 -13.98 -20.96 -22.47
C ALA C 33 -13.30 -21.64 -23.64
N LYS C 34 -13.45 -21.04 -24.82
CA LYS C 34 -12.57 -21.32 -25.96
C LYS C 34 -11.24 -20.59 -25.71
N VAL C 35 -10.17 -21.35 -25.53
CA VAL C 35 -8.88 -20.79 -25.16
C VAL C 35 -7.84 -20.87 -26.27
N ILE C 36 -7.25 -19.72 -26.57
CA ILE C 36 -6.06 -19.64 -27.42
C ILE C 36 -4.90 -19.32 -26.49
N GLY C 37 -3.93 -20.23 -26.44
CA GLY C 37 -2.72 -20.04 -25.66
C GLY C 37 -1.54 -19.82 -26.58
N THR C 38 -0.60 -18.97 -26.17
CA THR C 38 0.55 -18.69 -27.03
C THR C 38 1.88 -19.19 -26.47
N ALA C 39 2.80 -19.44 -27.40
CA ALA C 39 4.20 -19.71 -27.07
C ALA C 39 5.09 -19.02 -28.10
N THR C 40 6.37 -18.88 -27.77
CA THR C 40 7.32 -18.21 -28.67
C THR C 40 7.84 -19.13 -29.78
N SER C 41 7.57 -20.42 -29.66
CA SER C 41 8.08 -21.41 -30.61
C SER C 41 6.97 -22.34 -31.12
N GLU C 42 7.18 -22.86 -32.32
CA GLU C 42 6.21 -23.76 -32.97
C GLU C 42 6.02 -25.03 -32.13
N SER C 43 7.10 -25.48 -31.49
CA SER C 43 7.02 -26.65 -30.62
C SER C 43 6.16 -26.34 -29.38
N GLY C 44 6.36 -25.16 -28.79
CA GLY C 44 5.51 -24.68 -27.68
C GLY C 44 4.04 -24.62 -28.08
N ALA C 45 3.77 -24.06 -29.24
CA ALA C 45 2.39 -23.91 -29.74
C ALA C 45 1.72 -25.28 -29.95
N ALA C 46 2.46 -26.20 -30.56
CA ALA C 46 1.97 -27.57 -30.78
C ALA C 46 1.64 -28.25 -29.45
N ALA C 47 2.51 -28.11 -28.47
CA ALA C 47 2.29 -28.68 -27.14
C ALA C 47 1.01 -28.11 -26.52
N ILE C 48 0.81 -26.80 -26.66
CA ILE C 48 -0.40 -26.14 -26.13
C ILE C 48 -1.62 -26.73 -26.82
N SER C 49 -1.56 -26.85 -28.15
CA SER C 49 -2.67 -27.43 -28.92
C SER C 49 -3.03 -28.84 -28.46
N GLU C 50 -2.01 -29.66 -28.23
CA GLU C 50 -2.24 -31.03 -27.76
C GLU C 50 -2.87 -31.03 -26.37
N ARG C 51 -2.35 -30.18 -25.49
CA ARG C 51 -2.82 -30.09 -24.10
C ARG C 51 -4.27 -29.57 -24.02
N LEU C 52 -4.62 -28.62 -24.86
CA LEU C 52 -5.97 -28.01 -24.82
C LEU C 52 -7.00 -28.70 -25.73
N ALA C 53 -6.55 -29.69 -26.49
CA ALA C 53 -7.41 -30.37 -27.49
C ALA C 53 -8.74 -30.85 -26.91
N GLN C 54 -8.69 -31.44 -25.72
CA GLN C 54 -9.90 -32.01 -25.07
C GLN C 54 -10.97 -30.95 -24.78
N TRP C 55 -10.55 -29.70 -24.65
CA TRP C 55 -11.47 -28.56 -24.38
C TRP C 55 -11.70 -27.68 -25.61
N GLY C 56 -11.22 -28.11 -26.76
CA GLY C 56 -11.35 -27.34 -28.00
C GLY C 56 -10.47 -26.10 -28.07
N GLY C 57 -9.45 -26.05 -27.22
CA GLY C 57 -8.51 -24.94 -27.22
C GLY C 57 -7.42 -25.15 -28.24
N GLU C 58 -6.59 -24.15 -28.46
CA GLU C 58 -5.48 -24.27 -29.40
C GLU C 58 -4.29 -23.41 -29.02
N GLY C 59 -3.14 -23.81 -29.54
CA GLY C 59 -1.90 -23.09 -29.36
C GLY C 59 -1.57 -22.27 -30.60
N ARG C 60 -0.99 -21.11 -30.39
CA ARG C 60 -0.51 -20.25 -31.49
C ARG C 60 0.87 -19.68 -31.15
N VAL C 61 1.67 -19.40 -32.19
CA VAL C 61 3.00 -18.82 -32.00
C VAL C 61 2.84 -17.33 -31.86
N LEU C 62 3.50 -16.77 -30.86
CA LEU C 62 3.55 -15.32 -30.69
C LEU C 62 4.92 -14.90 -30.21
N ASN C 63 5.61 -14.14 -31.03
CA ASN C 63 6.81 -13.43 -30.60
C ASN C 63 6.43 -11.98 -30.33
N SER C 64 6.31 -11.65 -29.05
CA SER C 64 5.86 -10.32 -28.58
C SER C 64 6.69 -9.16 -29.10
N ALA C 65 7.96 -9.42 -29.35
CA ALA C 65 8.88 -8.38 -29.84
C ALA C 65 8.56 -7.90 -31.27
N GLU C 66 8.00 -8.78 -32.08
CA GLU C 66 7.77 -8.45 -33.50
C GLU C 66 6.59 -7.50 -33.62
N PRO C 67 6.71 -6.47 -34.47
CA PRO C 67 5.58 -5.58 -34.69
C PRO C 67 4.44 -6.24 -35.45
N GLU C 68 3.22 -5.91 -35.06
CA GLU C 68 2.00 -6.33 -35.78
C GLU C 68 1.60 -7.79 -35.59
N THR C 69 2.35 -8.55 -34.81
CA THR C 69 2.05 -9.97 -34.63
C THR C 69 0.90 -10.18 -33.64
N VAL C 70 1.00 -9.51 -32.51
CA VAL C 70 -0.05 -9.60 -31.48
C VAL C 70 -1.38 -9.08 -32.06
N GLU C 71 -1.29 -7.98 -32.79
CA GLU C 71 -2.43 -7.31 -33.40
C GLU C 71 -3.12 -8.21 -34.42
N ASN C 72 -2.33 -8.87 -35.24
CA ASN C 72 -2.87 -9.81 -36.22
C ASN C 72 -3.54 -11.02 -35.59
N LEU C 73 -2.91 -11.53 -34.54
CA LEU C 73 -3.44 -12.68 -33.82
C LEU C 73 -4.81 -12.37 -33.24
N ILE C 74 -4.90 -11.22 -32.60
CA ILE C 74 -6.15 -10.75 -31.98
C ILE C 74 -7.24 -10.52 -33.03
N ALA C 75 -6.86 -9.89 -34.14
CA ALA C 75 -7.79 -9.67 -35.26
C ALA C 75 -8.30 -11.00 -35.81
N ASP C 76 -7.40 -11.95 -35.95
CA ASP C 76 -7.76 -13.28 -36.44
C ASP C 76 -8.75 -13.97 -35.48
N ILE C 77 -8.47 -13.88 -34.19
CA ILE C 77 -9.36 -14.45 -33.18
C ILE C 77 -10.75 -13.80 -33.27
N GLU C 78 -10.77 -12.47 -33.33
CA GLU C 78 -12.02 -11.70 -33.39
C GLU C 78 -12.86 -12.08 -34.61
N LYS C 79 -12.20 -12.23 -35.74
CA LYS C 79 -12.86 -12.58 -37.01
C LYS C 79 -13.39 -14.01 -37.00
N THR C 80 -12.60 -14.92 -36.46
CA THR C 80 -12.98 -16.34 -36.42
C THR C 80 -14.06 -16.63 -35.38
N PHE C 81 -13.91 -16.05 -34.20
CA PHE C 81 -14.79 -16.36 -33.06
C PHE C 81 -15.78 -15.25 -32.72
N GLY C 82 -15.60 -14.06 -33.28
CA GLY C 82 -16.61 -13.01 -33.21
C GLY C 82 -16.34 -11.95 -32.15
N LYS C 83 -15.50 -12.32 -31.19
CA LYS C 83 -15.21 -11.47 -30.03
C LYS C 83 -14.01 -12.05 -29.29
N LEU C 84 -13.45 -11.25 -28.41
CA LEU C 84 -12.48 -11.70 -27.41
C LEU C 84 -12.99 -11.19 -26.07
N ASP C 85 -13.27 -12.11 -25.16
CA ASP C 85 -13.88 -11.75 -23.87
C ASP C 85 -12.86 -11.54 -22.78
N ILE C 86 -11.79 -12.32 -22.86
CA ILE C 86 -10.79 -12.38 -21.79
C ILE C 86 -9.40 -12.36 -22.38
N LEU C 87 -8.57 -11.45 -21.86
CA LEU C 87 -7.16 -11.40 -22.20
C LEU C 87 -6.36 -11.57 -20.92
N VAL C 88 -5.52 -12.59 -20.91
CA VAL C 88 -4.56 -12.81 -19.81
C VAL C 88 -3.14 -12.61 -20.34
N ASN C 89 -2.51 -11.54 -19.86
CA ASN C 89 -1.13 -11.23 -20.21
C ASN C 89 -0.18 -11.87 -19.23
N ASN C 90 0.41 -12.97 -19.66
CA ASN C 90 1.32 -13.74 -18.81
C ASN C 90 2.72 -13.85 -19.37
N ALA C 91 2.87 -13.57 -20.66
CA ALA C 91 4.17 -13.69 -21.30
C ALA C 91 5.18 -12.76 -20.62
N GLY C 92 6.35 -13.27 -20.32
CA GLY C 92 7.39 -12.52 -19.61
C GLY C 92 8.68 -13.30 -19.54
N ILE C 93 9.80 -12.59 -19.35
CA ILE C 93 11.13 -13.21 -19.18
C ILE C 93 11.85 -12.52 -18.04
N THR C 94 12.96 -13.12 -17.60
CA THR C 94 13.87 -12.46 -16.68
C THR C 94 15.27 -12.35 -17.30
N ARG C 95 15.96 -11.30 -16.93
CA ARG C 95 17.35 -11.06 -17.32
C ARG C 95 18.04 -10.46 -16.09
N ASP C 96 18.21 -11.28 -15.07
CA ASP C 96 18.68 -10.81 -13.77
C ASP C 96 20.15 -10.41 -13.79
N ASN C 97 20.42 -9.26 -13.18
CA ASN C 97 21.78 -8.80 -12.94
C ASN C 97 21.77 -7.70 -11.91
N LEU C 98 22.88 -7.55 -11.19
CA LEU C 98 23.06 -6.40 -10.32
C LEU C 98 23.11 -5.17 -11.21
N LEU C 99 22.50 -4.09 -10.74
CA LEU C 99 22.45 -2.85 -11.53
C LEU C 99 23.84 -2.47 -12.01
N MET C 100 24.82 -2.64 -11.13
CA MET C 100 26.21 -2.33 -11.47
C MET C 100 26.73 -3.05 -12.72
N ARG C 101 26.23 -4.26 -12.97
CA ARG C 101 26.64 -5.09 -14.11
C ARG C 101 25.61 -5.14 -15.22
N MET C 102 24.44 -4.57 -15.00
CA MET C 102 23.34 -4.75 -15.93
C MET C 102 23.60 -4.11 -17.29
N LYS C 103 23.47 -4.91 -18.33
CA LYS C 103 23.62 -4.43 -19.70
C LYS C 103 22.38 -3.69 -20.18
N GLU C 104 22.61 -2.71 -21.03
CA GLU C 104 21.52 -1.96 -21.67
C GLU C 104 20.48 -2.89 -22.30
N GLU C 105 20.94 -3.94 -22.96
CA GLU C 105 20.05 -4.89 -23.62
C GLU C 105 19.21 -5.68 -22.62
N GLU C 106 19.77 -5.94 -21.44
CA GLU C 106 19.05 -6.63 -20.36
C GLU C 106 17.89 -5.78 -19.82
N TRP C 107 18.12 -4.47 -19.76
CA TRP C 107 17.07 -3.52 -19.43
C TRP C 107 16.02 -3.46 -20.54
N ASP C 108 16.48 -3.20 -21.75
CA ASP C 108 15.58 -2.99 -22.91
C ASP C 108 14.72 -4.21 -23.22
N ASP C 109 15.32 -5.39 -23.20
CA ASP C 109 14.59 -6.64 -23.52
C ASP C 109 13.47 -6.91 -22.50
N ILE C 110 13.76 -6.64 -21.24
CA ILE C 110 12.75 -6.81 -20.18
C ILE C 110 11.58 -5.85 -20.39
N MET C 111 11.89 -4.59 -20.64
CA MET C 111 10.84 -3.58 -20.87
C MET C 111 9.98 -3.91 -22.10
N GLN C 112 10.62 -4.43 -23.14
CA GLN C 112 9.91 -4.80 -24.35
C GLN C 112 9.01 -6.02 -24.15
N VAL C 113 9.60 -7.09 -23.64
CA VAL C 113 8.91 -8.38 -23.53
C VAL C 113 7.86 -8.38 -22.40
N ASN C 114 8.20 -7.75 -21.29
CA ASN C 114 7.35 -7.82 -20.09
C ASN C 114 6.34 -6.69 -19.95
N LEU C 115 6.64 -5.55 -20.53
CA LEU C 115 5.78 -4.36 -20.37
C LEU C 115 5.14 -3.89 -21.67
N LYS C 116 5.96 -3.62 -22.68
CA LYS C 116 5.41 -3.14 -23.95
C LYS C 116 4.44 -4.14 -24.57
N SER C 117 4.72 -5.43 -24.37
CA SER C 117 3.85 -6.51 -24.87
C SER C 117 2.43 -6.36 -24.35
N VAL C 118 2.33 -5.94 -23.10
CA VAL C 118 1.04 -5.73 -22.48
C VAL C 118 0.34 -4.49 -23.04
N PHE C 119 1.09 -3.41 -23.24
CA PHE C 119 0.56 -2.23 -23.95
C PHE C 119 -0.07 -2.64 -25.29
N ARG C 120 0.70 -3.39 -26.06
CA ARG C 120 0.26 -3.80 -27.41
C ARG C 120 -1.00 -4.70 -27.42
N ALA C 121 -0.97 -5.75 -26.61
CA ALA C 121 -2.09 -6.69 -26.54
C ALA C 121 -3.35 -6.03 -25.99
N SER C 122 -3.17 -5.26 -24.92
CA SER C 122 -4.30 -4.58 -24.29
C SER C 122 -4.95 -3.57 -25.23
N LYS C 123 -4.12 -2.82 -25.94
CA LYS C 123 -4.62 -1.85 -26.89
C LYS C 123 -5.42 -2.55 -27.98
N ALA C 124 -4.86 -3.64 -28.48
CA ALA C 124 -5.47 -4.39 -29.59
C ALA C 124 -6.85 -4.99 -29.29
N VAL C 125 -7.05 -5.47 -28.07
CA VAL C 125 -8.36 -6.09 -27.72
C VAL C 125 -9.44 -5.06 -27.39
N LEU C 126 -9.02 -3.83 -27.21
CA LEU C 126 -9.86 -2.79 -26.61
C LEU C 126 -11.08 -2.40 -27.46
N ARG C 127 -10.86 -2.18 -28.75
CA ARG C 127 -11.94 -1.79 -29.66
C ARG C 127 -13.11 -2.75 -29.56
N GLY C 128 -12.82 -4.05 -29.68
CA GLY C 128 -13.85 -5.08 -29.59
C GLY C 128 -14.54 -5.10 -28.25
N MET C 129 -13.75 -5.06 -27.18
CA MET C 129 -14.32 -5.12 -25.82
C MET C 129 -15.24 -3.91 -25.57
N MET C 130 -14.78 -2.74 -25.97
CA MET C 130 -15.61 -1.53 -25.82
C MET C 130 -16.90 -1.58 -26.60
N LYS C 131 -16.84 -2.12 -27.81
CA LYS C 131 -18.04 -2.25 -28.64
C LYS C 131 -19.04 -3.21 -27.99
N GLN C 132 -18.56 -4.32 -27.46
CA GLN C 132 -19.42 -5.30 -26.76
C GLN C 132 -19.81 -4.88 -25.35
N ARG C 133 -19.20 -3.83 -24.81
CA ARG C 133 -19.47 -3.39 -23.42
C ARG C 133 -19.26 -4.50 -22.39
N ALA C 134 -18.20 -5.26 -22.59
CA ALA C 134 -17.88 -6.38 -21.73
C ALA C 134 -16.45 -6.79 -21.96
N GLY C 135 -15.76 -7.08 -20.87
CA GLY C 135 -14.43 -7.63 -21.00
C GLY C 135 -13.70 -7.86 -19.69
N ARG C 136 -12.65 -8.64 -19.80
CA ARG C 136 -11.70 -8.91 -18.72
C ARG C 136 -10.29 -8.84 -19.25
N ILE C 137 -9.48 -8.02 -18.62
CA ILE C 137 -8.05 -8.06 -18.85
C ILE C 137 -7.39 -8.36 -17.51
N ILE C 138 -6.54 -9.37 -17.52
CA ILE C 138 -5.89 -9.85 -16.31
C ILE C 138 -4.41 -9.98 -16.59
N ASN C 139 -3.63 -9.20 -15.84
CA ASN C 139 -2.19 -9.17 -15.98
C ASN C 139 -1.48 -9.88 -14.85
N ILE C 140 -0.55 -10.75 -15.23
CA ILE C 140 0.20 -11.50 -14.25
C ILE C 140 1.46 -10.71 -13.90
N THR C 141 1.50 -10.23 -12.67
CA THR C 141 2.60 -9.43 -12.17
C THR C 141 3.15 -10.02 -10.86
N SER C 142 4.45 -10.06 -10.71
CA SER C 142 5.11 -10.67 -9.56
C SER C 142 5.08 -9.80 -8.31
N VAL C 143 5.08 -10.44 -7.15
CA VAL C 143 5.30 -9.77 -5.87
C VAL C 143 6.51 -8.82 -5.89
N VAL C 144 7.52 -9.14 -6.70
CA VAL C 144 8.75 -8.36 -6.83
C VAL C 144 8.45 -6.93 -7.33
N GLY C 145 7.38 -6.80 -8.09
CA GLY C 145 6.92 -5.50 -8.56
C GLY C 145 6.46 -4.58 -7.45
N VAL C 146 6.02 -5.17 -6.34
CA VAL C 146 5.51 -4.39 -5.22
C VAL C 146 6.57 -4.21 -4.13
N MET C 147 7.38 -5.22 -3.89
CA MET C 147 8.36 -5.13 -2.80
C MET C 147 9.78 -4.86 -3.26
N GLY C 148 10.03 -5.03 -4.55
CA GLY C 148 11.37 -4.90 -5.10
C GLY C 148 12.19 -6.16 -4.81
N ASN C 149 13.27 -6.33 -5.55
CA ASN C 149 14.19 -7.44 -5.33
C ASN C 149 15.58 -7.13 -5.88
N ALA C 150 16.60 -7.29 -5.04
CA ALA C 150 17.99 -7.15 -5.47
C ALA C 150 18.25 -8.09 -6.66
N GLY C 151 18.97 -7.59 -7.66
CA GLY C 151 19.27 -8.38 -8.88
C GLY C 151 18.20 -8.27 -9.94
N GLN C 152 17.11 -7.59 -9.62
CA GLN C 152 15.96 -7.53 -10.51
C GLN C 152 15.40 -6.13 -10.65
N THR C 153 16.27 -5.13 -10.70
CA THR C 153 15.83 -3.75 -10.94
C THR C 153 15.02 -3.65 -12.22
N ASN C 154 15.42 -4.41 -13.24
CA ASN C 154 14.70 -4.42 -14.51
C ASN C 154 13.33 -5.12 -14.45
N TYR C 155 13.32 -6.34 -13.95
CA TYR C 155 12.09 -7.13 -13.83
C TYR C 155 11.06 -6.46 -12.93
N ALA C 156 11.54 -5.98 -11.79
CA ALA C 156 10.71 -5.24 -10.83
C ALA C 156 10.12 -3.98 -11.42
N ALA C 157 10.92 -3.23 -12.15
CA ALA C 157 10.44 -2.02 -12.79
C ALA C 157 9.33 -2.34 -13.80
N ALA C 158 9.53 -3.38 -14.59
CA ALA C 158 8.52 -3.79 -15.57
C ALA C 158 7.23 -4.27 -14.90
N LYS C 159 7.36 -5.11 -13.87
CA LYS C 159 6.17 -5.66 -13.18
C LYS C 159 5.43 -4.59 -12.38
N ALA C 160 6.16 -3.67 -11.76
CA ALA C 160 5.53 -2.50 -11.11
C ALA C 160 4.85 -1.61 -12.15
N GLY C 161 5.52 -1.40 -13.27
CA GLY C 161 4.95 -0.58 -14.35
C GLY C 161 3.65 -1.15 -14.87
N LEU C 162 3.60 -2.47 -14.94
CA LEU C 162 2.42 -3.20 -15.37
C LEU C 162 1.20 -2.91 -14.49
N ILE C 163 1.46 -2.81 -13.20
CA ILE C 163 0.42 -2.43 -12.24
C ILE C 163 -0.05 -0.99 -12.48
N GLY C 164 0.88 -0.04 -12.64
CA GLY C 164 0.50 1.36 -12.96
C GLY C 164 -0.29 1.48 -14.26
N PHE C 165 0.18 0.78 -15.28
CA PHE C 165 -0.56 0.65 -16.54
C PHE C 165 -2.00 0.16 -16.34
N SER C 166 -2.15 -0.92 -15.60
CA SER C 166 -3.45 -1.56 -15.38
C SER C 166 -4.45 -0.65 -14.68
N LYS C 167 -3.98 0.04 -13.65
CA LYS C 167 -4.82 1.01 -12.92
C LYS C 167 -5.31 2.11 -13.85
N SER C 168 -4.40 2.63 -14.68
CA SER C 168 -4.75 3.68 -15.65
C SER C 168 -5.74 3.17 -16.69
N MET C 169 -5.49 2.00 -17.24
CA MET C 169 -6.41 1.39 -18.19
C MET C 169 -7.80 1.16 -17.58
N ALA C 170 -7.81 0.65 -16.35
CA ALA C 170 -9.06 0.40 -15.62
C ALA C 170 -9.91 1.67 -15.57
N ARG C 171 -9.26 2.80 -15.34
CA ARG C 171 -9.97 4.09 -15.29
C ARG C 171 -10.54 4.50 -16.66
N GLU C 172 -9.87 4.10 -17.73
CA GLU C 172 -10.28 4.46 -19.10
C GLU C 172 -11.44 3.64 -19.62
N VAL C 173 -11.46 2.37 -19.24
CA VAL C 173 -12.37 1.41 -19.87
C VAL C 173 -13.53 0.98 -18.97
N GLY C 174 -13.49 1.41 -17.72
CA GLY C 174 -14.48 0.99 -16.73
C GLY C 174 -15.90 1.37 -17.07
N SER C 175 -16.09 2.52 -17.70
CA SER C 175 -17.44 3.01 -18.01
C SER C 175 -18.16 2.08 -19.00
N ARG C 176 -17.38 1.26 -19.69
CA ARG C 176 -17.89 0.23 -20.61
C ARG C 176 -18.01 -1.16 -19.97
N GLY C 177 -17.81 -1.24 -18.66
CA GLY C 177 -17.96 -2.52 -17.92
C GLY C 177 -16.75 -3.45 -17.97
N ILE C 178 -15.68 -3.01 -18.62
CA ILE C 178 -14.45 -3.81 -18.73
C ILE C 178 -13.65 -3.68 -17.46
N THR C 179 -13.24 -4.80 -16.89
CA THR C 179 -12.38 -4.75 -15.71
C THR C 179 -10.95 -5.08 -16.08
N VAL C 180 -10.03 -4.46 -15.37
CA VAL C 180 -8.60 -4.65 -15.57
C VAL C 180 -7.97 -4.86 -14.20
N ASN C 181 -7.39 -6.04 -14.02
CA ASN C 181 -6.80 -6.42 -12.74
C ASN C 181 -5.47 -7.11 -12.93
N CYS C 182 -4.69 -7.14 -11.85
CA CYS C 182 -3.46 -7.92 -11.80
C CYS C 182 -3.53 -9.01 -10.76
N VAL C 183 -2.84 -10.11 -11.07
CA VAL C 183 -2.60 -11.16 -10.09
C VAL C 183 -1.10 -11.20 -9.84
N ALA C 184 -0.73 -11.13 -8.57
CA ALA C 184 0.67 -11.09 -8.15
C ALA C 184 1.07 -12.39 -7.44
N PRO C 185 1.69 -13.31 -8.20
CA PRO C 185 2.23 -14.50 -7.56
C PRO C 185 3.41 -14.16 -6.66
N GLY C 186 3.47 -14.91 -5.56
CA GLY C 186 4.64 -14.92 -4.70
C GLY C 186 5.60 -16.02 -5.13
N PHE C 187 5.97 -16.85 -4.17
CA PHE C 187 6.84 -17.99 -4.42
C PHE C 187 6.00 -19.20 -4.85
N ILE C 188 5.97 -19.42 -6.16
CA ILE C 188 5.20 -20.48 -6.77
C ILE C 188 6.17 -21.51 -7.32
N ASP C 189 5.84 -22.78 -7.17
CA ASP C 189 6.70 -23.82 -7.72
C ASP C 189 6.66 -23.82 -9.25
N THR C 190 7.77 -23.39 -9.82
CA THR C 190 8.00 -23.27 -11.26
C THR C 190 9.46 -23.60 -11.56
N ASP C 191 9.83 -23.59 -12.83
CA ASP C 191 11.22 -23.78 -13.22
C ASP C 191 12.15 -22.77 -12.55
N MET C 192 11.69 -21.52 -12.49
CA MET C 192 12.46 -20.41 -11.94
C MET C 192 12.70 -20.61 -10.44
N THR C 193 11.73 -21.15 -9.73
CA THR C 193 11.89 -21.35 -8.28
C THR C 193 12.66 -22.63 -8.03
N ARG C 194 12.53 -23.58 -8.94
CA ARG C 194 13.25 -24.85 -8.84
C ARG C 194 14.76 -24.72 -8.97
N ALA C 195 15.17 -23.78 -9.80
CA ALA C 195 16.59 -23.57 -10.04
C ALA C 195 17.25 -22.85 -8.86
N LEU C 196 16.48 -22.47 -7.85
CA LEU C 196 17.01 -21.75 -6.67
C LEU C 196 17.85 -22.59 -5.71
N PRO C 197 18.86 -21.98 -5.04
CA PRO C 197 19.56 -22.77 -4.04
C PRO C 197 18.78 -22.77 -2.73
N GLU C 198 19.09 -23.73 -1.86
CA GLU C 198 18.21 -24.04 -0.75
C GLU C 198 18.03 -22.90 0.25
N GLU C 199 19.12 -22.20 0.59
CA GLU C 199 19.01 -21.12 1.58
C GLU C 199 18.06 -20.07 1.10
N THR C 200 18.10 -19.84 -0.21
CA THR C 200 17.17 -18.95 -0.86
C THR C 200 15.74 -19.53 -0.82
N ARG C 201 15.61 -20.80 -1.18
CA ARG C 201 14.30 -21.46 -1.12
C ARG C 201 13.78 -21.50 0.31
N GLN C 202 14.62 -21.98 1.22
CA GLN C 202 14.29 -22.02 2.65
C GLN C 202 14.00 -20.64 3.19
N THR C 203 14.79 -19.65 2.74
CA THR C 203 14.56 -18.28 3.17
C THR C 203 13.21 -17.82 2.69
N PHE C 204 12.83 -18.21 1.47
CA PHE C 204 11.54 -17.79 0.92
C PHE C 204 10.38 -18.41 1.66
N THR C 205 10.42 -19.73 1.86
CA THR C 205 9.30 -20.42 2.53
C THR C 205 9.09 -19.91 3.96
N ALA C 206 10.20 -19.57 4.61
CA ALA C 206 10.17 -19.00 5.97
C ALA C 206 9.42 -17.67 6.03
N GLN C 207 9.42 -16.92 4.94
CA GLN C 207 8.71 -15.64 4.85
C GLN C 207 7.21 -15.80 4.71
N THR C 208 6.77 -16.97 4.26
CA THR C 208 5.35 -17.17 4.03
C THR C 208 4.67 -17.50 5.35
N ALA C 209 3.41 -17.10 5.48
CA ALA C 209 2.61 -17.47 6.64
C ALA C 209 2.22 -18.96 6.57
N LEU C 210 2.04 -19.46 5.36
CA LEU C 210 1.59 -20.85 5.18
C LEU C 210 2.73 -21.87 5.28
N GLY C 211 3.97 -21.38 5.22
CA GLY C 211 5.16 -22.23 5.37
C GLY C 211 5.41 -23.17 4.21
N ARG C 212 5.04 -22.74 3.00
CA ARG C 212 5.24 -23.55 1.81
C ARG C 212 5.17 -22.70 0.54
N PHE C 213 5.75 -23.21 -0.54
CA PHE C 213 5.58 -22.63 -1.87
C PHE C 213 4.15 -22.89 -2.36
N GLY C 214 3.66 -22.01 -3.21
CA GLY C 214 2.37 -22.20 -3.87
C GLY C 214 2.46 -23.04 -5.13
N ASP C 215 1.31 -23.30 -5.71
CA ASP C 215 1.18 -24.06 -6.96
C ASP C 215 0.72 -23.18 -8.09
N ALA C 216 1.14 -23.50 -9.31
CA ALA C 216 0.66 -22.77 -10.50
C ALA C 216 -0.87 -22.70 -10.52
N GLN C 217 -1.52 -23.77 -10.08
CA GLN C 217 -2.98 -23.83 -10.02
C GLN C 217 -3.59 -22.75 -9.12
N ASP C 218 -2.89 -22.37 -8.07
CA ASP C 218 -3.36 -21.30 -7.18
C ASP C 218 -3.51 -19.98 -7.96
N ILE C 219 -2.60 -19.72 -8.87
CA ILE C 219 -2.66 -18.50 -9.70
C ILE C 219 -3.80 -18.62 -10.70
N ALA C 220 -3.88 -19.78 -11.35
CA ALA C 220 -4.98 -20.08 -12.28
C ALA C 220 -6.35 -19.90 -11.61
N ASP C 221 -6.48 -20.37 -10.36
CA ASP C 221 -7.74 -20.24 -9.61
C ASP C 221 -8.14 -18.77 -9.45
N ALA C 222 -7.15 -17.93 -9.14
CA ALA C 222 -7.39 -16.49 -8.94
C ALA C 222 -7.77 -15.81 -10.26
N VAL C 223 -7.13 -16.23 -11.34
CA VAL C 223 -7.43 -15.71 -12.68
C VAL C 223 -8.86 -16.06 -13.09
N LEU C 224 -9.26 -17.31 -12.85
CA LEU C 224 -10.63 -17.75 -13.14
C LEU C 224 -11.66 -16.90 -12.37
N PHE C 225 -11.40 -16.69 -11.10
CA PHE C 225 -12.28 -15.83 -10.27
C PHE C 225 -12.43 -14.45 -10.93
N LEU C 226 -11.30 -13.82 -11.23
CA LEU C 226 -11.31 -12.46 -11.82
C LEU C 226 -11.93 -12.39 -13.22
N ALA C 227 -11.76 -13.45 -13.99
CA ALA C 227 -12.34 -13.57 -15.33
C ALA C 227 -13.86 -13.79 -15.33
N SER C 228 -14.39 -14.20 -14.20
CA SER C 228 -15.79 -14.59 -14.11
C SER C 228 -16.71 -13.45 -13.71
N ASP C 229 -18.01 -13.75 -13.79
CA ASP C 229 -19.05 -12.85 -13.30
C ASP C 229 -18.99 -12.58 -11.78
N GLN C 230 -18.27 -13.43 -11.05
CA GLN C 230 -18.09 -13.24 -9.60
C GLN C 230 -17.22 -12.04 -9.23
N ALA C 231 -16.54 -11.49 -10.24
CA ALA C 231 -15.62 -10.36 -10.01
C ALA C 231 -15.99 -9.14 -10.85
N LYS C 232 -17.27 -8.99 -11.17
CA LYS C 232 -17.71 -7.90 -12.07
C LYS C 232 -17.55 -6.49 -11.48
N TYR C 233 -17.42 -6.39 -10.16
CA TYR C 233 -17.24 -5.07 -9.51
C TYR C 233 -15.82 -4.86 -8.99
N ILE C 234 -14.92 -5.74 -9.40
CA ILE C 234 -13.52 -5.64 -9.01
C ILE C 234 -12.72 -5.13 -10.20
N THR C 235 -12.11 -3.96 -10.04
CA THR C 235 -11.23 -3.43 -11.07
C THR C 235 -10.13 -2.54 -10.51
N GLY C 236 -9.02 -2.52 -11.24
CA GLY C 236 -7.82 -1.79 -10.83
C GLY C 236 -7.10 -2.38 -9.63
N GLN C 237 -7.34 -3.66 -9.36
CA GLN C 237 -6.80 -4.31 -8.16
C GLN C 237 -5.62 -5.21 -8.48
N THR C 238 -4.79 -5.40 -7.46
CA THR C 238 -3.70 -6.37 -7.50
C THR C 238 -4.00 -7.44 -6.45
N LEU C 239 -4.34 -8.63 -6.92
CA LEU C 239 -4.66 -9.75 -6.03
C LEU C 239 -3.39 -10.56 -5.78
N HIS C 240 -2.91 -10.51 -4.54
CA HIS C 240 -1.68 -11.19 -4.16
C HIS C 240 -1.99 -12.62 -3.74
N VAL C 241 -1.33 -13.55 -4.43
CA VAL C 241 -1.48 -14.98 -4.17
C VAL C 241 -0.10 -15.45 -3.80
N ASN C 242 0.24 -15.24 -2.53
CA ASN C 242 1.62 -15.45 -2.05
C ASN C 242 1.83 -16.22 -0.74
N GLY C 243 0.79 -16.80 -0.19
CA GLY C 243 0.91 -17.55 1.06
C GLY C 243 1.23 -16.69 2.27
N GLY C 244 1.00 -15.38 2.13
CA GLY C 244 1.27 -14.43 3.19
C GLY C 244 2.66 -13.85 3.24
N MET C 245 3.46 -14.01 2.18
CA MET C 245 4.83 -13.43 2.18
C MET C 245 4.82 -11.92 2.12
N LEU C 246 3.76 -11.34 1.57
CA LEU C 246 3.56 -9.91 1.62
C LEU C 246 2.10 -9.63 1.87
N MET C 247 1.81 -8.76 2.83
CA MET C 247 0.43 -8.40 3.21
C MET C 247 0.21 -6.90 3.15
N PRO C 248 -0.07 -6.37 1.94
CA PRO C 248 -0.20 -4.91 1.75
C PRO C 248 -1.46 -4.33 2.41
N SER D 2 -9.95 -27.53 -7.14
CA SER D 2 -10.27 -26.08 -6.96
C SER D 2 -11.72 -25.72 -7.40
N THR D 3 -12.64 -26.23 -6.59
CA THR D 3 -14.08 -25.98 -6.75
C THR D 3 -14.53 -24.98 -5.69
N GLN D 4 -15.76 -24.48 -5.82
CA GLN D 4 -16.42 -23.69 -4.77
C GLN D 4 -17.55 -24.47 -4.10
N ASP D 5 -17.42 -25.78 -4.10
CA ASP D 5 -18.37 -26.65 -3.44
C ASP D 5 -18.07 -26.66 -1.95
N LEU D 6 -18.99 -26.14 -1.15
CA LEU D 6 -18.80 -26.10 0.31
C LEU D 6 -19.61 -27.17 1.05
N SER D 7 -20.06 -28.19 0.33
CA SER D 7 -20.79 -29.31 0.93
C SER D 7 -20.01 -29.87 2.11
N GLY D 8 -20.70 -30.12 3.21
CA GLY D 8 -20.05 -30.65 4.41
C GLY D 8 -19.36 -29.62 5.29
N LYS D 9 -19.29 -28.36 4.84
CA LYS D 9 -18.67 -27.29 5.63
C LYS D 9 -19.73 -26.62 6.51
N ILE D 10 -19.24 -26.11 7.63
CA ILE D 10 -20.07 -25.37 8.58
C ILE D 10 -19.54 -23.92 8.62
N ALA D 11 -20.44 -22.97 8.42
CA ALA D 11 -20.09 -21.54 8.40
C ALA D 11 -20.91 -20.70 9.39
N LEU D 12 -20.21 -19.79 10.05
CA LEU D 12 -20.84 -18.80 10.94
C LEU D 12 -20.64 -17.43 10.31
N VAL D 13 -21.75 -16.76 10.04
CA VAL D 13 -21.74 -15.40 9.48
C VAL D 13 -22.38 -14.46 10.48
N THR D 14 -21.59 -13.59 11.10
CA THR D 14 -22.13 -12.61 12.06
C THR D 14 -22.71 -11.43 11.28
N GLY D 15 -23.81 -10.87 11.79
CA GLY D 15 -24.48 -9.74 11.13
C GLY D 15 -25.09 -10.09 9.79
N ALA D 16 -25.87 -11.15 9.78
CA ALA D 16 -26.43 -11.71 8.54
C ALA D 16 -27.88 -11.30 8.25
N SER D 17 -28.42 -10.32 8.97
CA SER D 17 -29.85 -9.96 8.82
C SER D 17 -30.19 -9.26 7.51
N ARG D 18 -29.26 -8.46 6.99
CA ARG D 18 -29.56 -7.56 5.88
C ARG D 18 -28.36 -7.37 4.97
N GLY D 19 -28.62 -6.86 3.76
CA GLY D 19 -27.58 -6.38 2.87
C GLY D 19 -26.44 -7.35 2.62
N ILE D 20 -25.23 -6.87 2.84
CA ILE D 20 -24.01 -7.64 2.59
C ILE D 20 -24.00 -8.94 3.38
N GLY D 21 -24.24 -8.86 4.68
CA GLY D 21 -24.24 -10.04 5.55
C GLY D 21 -25.25 -11.09 5.12
N ALA D 22 -26.44 -10.63 4.76
CA ALA D 22 -27.51 -11.50 4.25
C ALA D 22 -27.10 -12.21 2.94
N ALA D 23 -26.52 -11.46 2.03
CA ALA D 23 -26.05 -12.03 0.74
C ALA D 23 -24.95 -13.06 0.95
N ILE D 24 -24.04 -12.75 1.87
CA ILE D 24 -22.95 -13.68 2.21
C ILE D 24 -23.51 -15.02 2.69
N ALA D 25 -24.42 -14.93 3.65
CA ALA D 25 -25.02 -16.13 4.25
C ALA D 25 -25.75 -16.94 3.19
N ASP D 26 -26.55 -16.27 2.37
CA ASP D 26 -27.29 -16.95 1.28
C ASP D 26 -26.34 -17.66 0.30
N THR D 27 -25.27 -16.98 -0.03
CA THR D 27 -24.30 -17.48 -1.02
C THR D 27 -23.53 -18.70 -0.52
N LEU D 28 -23.03 -18.63 0.70
CA LEU D 28 -22.34 -19.77 1.31
C LEU D 28 -23.29 -20.96 1.45
N ALA D 29 -24.53 -20.66 1.83
CA ALA D 29 -25.55 -21.71 1.99
C ALA D 29 -25.85 -22.37 0.65
N ALA D 30 -26.05 -21.57 -0.39
CA ALA D 30 -26.31 -22.09 -1.75
C ALA D 30 -25.14 -22.89 -2.31
N ALA D 31 -23.94 -22.55 -1.89
CA ALA D 31 -22.74 -23.31 -2.28
C ALA D 31 -22.61 -24.66 -1.53
N GLY D 32 -23.49 -24.90 -0.57
CA GLY D 32 -23.51 -26.20 0.14
C GLY D 32 -23.18 -26.19 1.62
N ALA D 33 -22.74 -25.04 2.14
CA ALA D 33 -22.40 -24.96 3.56
C ALA D 33 -23.65 -24.95 4.45
N LYS D 34 -23.52 -25.55 5.62
CA LYS D 34 -24.47 -25.33 6.72
C LYS D 34 -24.14 -23.97 7.32
N VAL D 35 -25.09 -23.03 7.21
CA VAL D 35 -24.84 -21.64 7.64
C VAL D 35 -25.65 -21.24 8.89
N ILE D 36 -24.93 -20.72 9.86
CA ILE D 36 -25.52 -20.04 11.02
C ILE D 36 -25.26 -18.56 10.85
N GLY D 37 -26.33 -17.78 10.75
CA GLY D 37 -26.23 -16.33 10.63
C GLY D 37 -26.71 -15.67 11.92
N THR D 38 -26.07 -14.59 12.33
CA THR D 38 -26.47 -13.92 13.58
C THR D 38 -27.02 -12.52 13.37
N ALA D 39 -27.82 -12.11 14.35
CA ALA D 39 -28.31 -10.75 14.46
C ALA D 39 -28.36 -10.35 15.93
N THR D 40 -28.44 -9.04 16.17
CA THR D 40 -28.46 -8.53 17.55
C THR D 40 -29.84 -8.64 18.21
N SER D 41 -30.85 -8.92 17.42
CA SER D 41 -32.23 -8.94 17.91
C SER D 41 -32.94 -10.21 17.48
N GLU D 42 -33.95 -10.56 18.27
CA GLU D 42 -34.76 -11.75 17.98
C GLU D 42 -35.45 -11.67 16.64
N SER D 43 -35.88 -10.46 16.29
CA SER D 43 -36.55 -10.24 15.00
C SER D 43 -35.55 -10.46 13.86
N GLY D 44 -34.33 -9.94 14.02
CA GLY D 44 -33.25 -10.20 13.06
C GLY D 44 -32.96 -11.69 12.89
N ALA D 45 -32.86 -12.40 14.01
CA ALA D 45 -32.57 -13.85 13.98
C ALA D 45 -33.66 -14.64 13.27
N ALA D 46 -34.90 -14.31 13.59
CA ALA D 46 -36.05 -14.95 12.94
C ALA D 46 -36.03 -14.74 11.42
N ALA D 47 -35.74 -13.52 11.00
CA ALA D 47 -35.67 -13.18 9.58
C ALA D 47 -34.59 -13.99 8.88
N ILE D 48 -33.45 -14.15 9.56
CA ILE D 48 -32.36 -14.98 9.01
C ILE D 48 -32.82 -16.43 8.84
N SER D 49 -33.45 -16.96 9.88
CA SER D 49 -33.94 -18.33 9.85
C SER D 49 -34.90 -18.56 8.69
N GLU D 50 -35.80 -17.61 8.47
CA GLU D 50 -36.76 -17.72 7.37
C GLU D 50 -36.04 -17.70 6.02
N ARG D 51 -35.08 -16.78 5.90
CA ARG D 51 -34.33 -16.61 4.65
C ARG D 51 -33.46 -17.83 4.30
N LEU D 52 -32.86 -18.45 5.32
CA LEU D 52 -31.95 -19.61 5.10
C LEU D 52 -32.63 -20.97 5.15
N ALA D 53 -33.91 -20.98 5.46
CA ALA D 53 -34.65 -22.22 5.68
C ALA D 53 -34.47 -23.23 4.53
N GLN D 54 -34.54 -22.75 3.30
CA GLN D 54 -34.44 -23.62 2.10
C GLN D 54 -33.09 -24.35 1.99
N TRP D 55 -32.06 -23.79 2.59
CA TRP D 55 -30.71 -24.41 2.59
C TRP D 55 -30.35 -25.07 3.92
N GLY D 56 -31.31 -25.16 4.82
CA GLY D 56 -31.06 -25.76 6.14
C GLY D 56 -30.21 -24.89 7.06
N GLY D 57 -30.15 -23.61 6.75
CA GLY D 57 -29.41 -22.66 7.58
C GLY D 57 -30.31 -22.15 8.69
N GLU D 58 -29.74 -21.40 9.62
CA GLU D 58 -30.54 -20.85 10.73
C GLU D 58 -29.99 -19.53 11.25
N GLY D 59 -30.88 -18.78 11.89
CA GLY D 59 -30.54 -17.51 12.55
C GLY D 59 -30.39 -17.70 14.05
N ARG D 60 -29.46 -16.96 14.64
CA ARG D 60 -29.24 -16.97 16.09
C ARG D 60 -29.03 -15.53 16.58
N VAL D 61 -29.43 -15.26 17.83
CA VAL D 61 -29.23 -13.94 18.42
C VAL D 61 -27.80 -13.91 18.96
N LEU D 62 -27.10 -12.83 18.65
CA LEU D 62 -25.77 -12.61 19.19
C LEU D 62 -25.61 -11.15 19.52
N ASN D 63 -25.52 -10.84 20.81
CA ASN D 63 -25.17 -9.51 21.26
C ASN D 63 -23.70 -9.51 21.68
N SER D 64 -22.85 -9.01 20.79
CA SER D 64 -21.40 -9.05 20.99
C SER D 64 -20.92 -8.31 22.22
N ALA D 65 -21.69 -7.33 22.68
CA ALA D 65 -21.34 -6.54 23.86
C ALA D 65 -21.35 -7.35 25.16
N GLU D 66 -22.19 -8.38 25.22
CA GLU D 66 -22.28 -9.21 26.44
C GLU D 66 -21.19 -10.31 26.47
N PRO D 67 -20.61 -10.54 27.67
CA PRO D 67 -19.55 -11.55 27.78
C PRO D 67 -20.07 -12.98 27.63
N GLU D 68 -19.24 -13.83 27.03
CA GLU D 68 -19.49 -15.28 26.97
C GLU D 68 -20.55 -15.70 25.96
N THR D 69 -21.14 -14.77 25.24
CA THR D 69 -22.20 -15.11 24.28
C THR D 69 -21.63 -15.67 22.97
N VAL D 70 -20.63 -14.97 22.45
CA VAL D 70 -19.91 -15.39 21.24
C VAL D 70 -19.34 -16.80 21.43
N GLU D 71 -18.70 -16.95 22.58
CA GLU D 71 -17.99 -18.17 22.95
C GLU D 71 -18.95 -19.36 23.08
N ASN D 72 -20.08 -19.12 23.72
CA ASN D 72 -21.12 -20.14 23.90
C ASN D 72 -21.74 -20.57 22.57
N LEU D 73 -21.97 -19.60 21.70
CA LEU D 73 -22.55 -19.87 20.38
C LEU D 73 -21.64 -20.78 19.56
N ILE D 74 -20.36 -20.43 19.54
CA ILE D 74 -19.36 -21.19 18.78
C ILE D 74 -19.21 -22.61 19.35
N ALA D 75 -19.17 -22.71 20.67
CA ALA D 75 -19.09 -24.03 21.35
C ALA D 75 -20.31 -24.88 21.00
N ASP D 76 -21.48 -24.26 20.99
CA ASP D 76 -22.72 -24.96 20.63
C ASP D 76 -22.66 -25.47 19.18
N ILE D 77 -22.20 -24.62 18.28
CA ILE D 77 -22.05 -25.00 16.87
C ILE D 77 -21.08 -26.19 16.74
N GLU D 78 -19.94 -26.08 17.41
CA GLU D 78 -18.90 -27.13 17.36
C GLU D 78 -19.42 -28.47 17.88
N LYS D 79 -20.19 -28.42 18.96
CA LYS D 79 -20.78 -29.63 19.57
C LYS D 79 -21.84 -30.26 18.69
N THR D 80 -22.68 -29.42 18.08
CA THR D 80 -23.79 -29.91 17.26
C THR D 80 -23.32 -30.41 15.90
N PHE D 81 -22.41 -29.66 15.29
CA PHE D 81 -21.98 -29.95 13.92
C PHE D 81 -20.57 -30.54 13.80
N GLY D 82 -19.79 -30.48 14.88
CA GLY D 82 -18.50 -31.19 14.95
C GLY D 82 -17.28 -30.32 14.71
N LYS D 83 -17.51 -29.19 14.05
CA LYS D 83 -16.45 -28.31 13.60
C LYS D 83 -17.07 -27.00 13.12
N LEU D 84 -16.21 -26.01 12.96
CA LEU D 84 -16.57 -24.76 12.30
C LEU D 84 -15.48 -24.52 11.28
N ASP D 85 -15.86 -24.46 10.00
CA ASP D 85 -14.88 -24.37 8.91
C ASP D 85 -14.62 -22.94 8.47
N ILE D 86 -15.66 -22.13 8.55
CA ILE D 86 -15.65 -20.78 8.00
C ILE D 86 -16.27 -19.83 9.00
N LEU D 87 -15.55 -18.76 9.29
CA LEU D 87 -16.07 -17.66 10.09
C LEU D 87 -16.01 -16.39 9.25
N VAL D 88 -17.16 -15.78 9.07
CA VAL D 88 -17.24 -14.47 8.43
C VAL D 88 -17.70 -13.44 9.46
N ASN D 89 -16.79 -12.52 9.78
CA ASN D 89 -17.08 -11.44 10.73
C ASN D 89 -17.59 -10.23 9.96
N ASN D 90 -18.90 -10.05 10.01
CA ASN D 90 -19.55 -8.96 9.31
C ASN D 90 -20.30 -8.00 10.22
N ALA D 91 -20.55 -8.44 11.45
CA ALA D 91 -21.29 -7.63 12.41
C ALA D 91 -20.55 -6.33 12.64
N GLY D 92 -21.29 -5.25 12.59
CA GLY D 92 -20.70 -3.94 12.82
C GLY D 92 -21.81 -2.91 12.89
N ILE D 93 -21.48 -1.78 13.49
CA ILE D 93 -22.40 -0.63 13.55
C ILE D 93 -21.62 0.62 13.20
N THR D 94 -22.34 1.71 12.99
CA THR D 94 -21.72 3.02 12.89
C THR D 94 -22.28 3.94 13.96
N ARG D 95 -21.43 4.85 14.41
CA ARG D 95 -21.80 5.91 15.34
C ARG D 95 -21.05 7.16 14.87
N ASP D 96 -21.46 7.69 13.73
CA ASP D 96 -20.74 8.78 13.06
C ASP D 96 -20.87 10.10 13.81
N ASN D 97 -19.74 10.78 13.93
CA ASN D 97 -19.70 12.15 14.44
C ASN D 97 -18.36 12.76 14.11
N LEU D 98 -18.32 14.08 13.99
CA LEU D 98 -17.04 14.77 13.88
C LEU D 98 -16.31 14.55 15.19
N LEU D 99 -14.99 14.35 15.09
CA LEU D 99 -14.18 14.11 16.29
C LEU D 99 -14.46 15.15 17.36
N MET D 100 -14.62 16.40 16.93
CA MET D 100 -14.95 17.52 17.81
C MET D 100 -16.16 17.27 18.74
N ARG D 101 -17.15 16.56 18.19
CA ARG D 101 -18.42 16.30 18.86
C ARG D 101 -18.54 14.88 19.35
N MET D 102 -17.59 14.03 19.01
CA MET D 102 -17.72 12.60 19.28
C MET D 102 -17.74 12.30 20.76
N LYS D 103 -18.77 11.60 21.19
CA LYS D 103 -18.88 11.16 22.58
C LYS D 103 -18.01 9.94 22.86
N GLU D 104 -17.52 9.87 24.09
CA GLU D 104 -16.76 8.71 24.56
C GLU D 104 -17.48 7.38 24.27
N GLU D 105 -18.79 7.37 24.50
CA GLU D 105 -19.61 6.16 24.28
C GLU D 105 -19.67 5.79 22.78
N GLU D 106 -19.62 6.79 21.92
CA GLU D 106 -19.60 6.56 20.45
C GLU D 106 -18.30 5.89 20.00
N TRP D 107 -17.20 6.28 20.65
CA TRP D 107 -15.90 5.63 20.44
C TRP D 107 -15.93 4.20 20.97
N ASP D 108 -16.31 4.08 22.24
CA ASP D 108 -16.29 2.79 22.95
C ASP D 108 -17.19 1.73 22.32
N ASP D 109 -18.41 2.12 21.95
CA ASP D 109 -19.37 1.21 21.32
C ASP D 109 -18.81 0.62 20.03
N ILE D 110 -18.20 1.49 19.24
CA ILE D 110 -17.65 1.08 17.95
C ILE D 110 -16.52 0.07 18.17
N MET D 111 -15.62 0.39 19.09
CA MET D 111 -14.49 -0.50 19.37
C MET D 111 -14.95 -1.86 19.88
N GLN D 112 -16.00 -1.85 20.69
CA GLN D 112 -16.55 -3.08 21.25
C GLN D 112 -17.25 -3.92 20.18
N VAL D 113 -18.19 -3.30 19.49
CA VAL D 113 -19.04 -4.02 18.52
C VAL D 113 -18.30 -4.39 17.23
N ASN D 114 -17.45 -3.49 16.74
CA ASN D 114 -16.81 -3.70 15.44
C ASN D 114 -15.45 -4.37 15.48
N LEU D 115 -14.75 -4.23 16.60
CA LEU D 115 -13.38 -4.73 16.69
C LEU D 115 -13.22 -5.84 17.73
N LYS D 116 -13.61 -5.57 18.97
CA LYS D 116 -13.46 -6.58 20.04
C LYS D 116 -14.25 -7.84 19.72
N SER D 117 -15.40 -7.66 19.07
CA SER D 117 -16.23 -8.80 18.63
C SER D 117 -15.44 -9.76 17.75
N VAL D 118 -14.59 -9.21 16.91
CA VAL D 118 -13.76 -10.01 15.99
C VAL D 118 -12.65 -10.72 16.75
N PHE D 119 -12.03 -10.04 17.69
CA PHE D 119 -11.07 -10.69 18.61
C PHE D 119 -11.72 -11.92 19.25
N ARG D 120 -12.89 -11.71 19.83
CA ARG D 120 -13.60 -12.76 20.58
C ARG D 120 -13.99 -13.95 19.71
N ALA D 121 -14.61 -13.67 18.58
CA ALA D 121 -15.05 -14.72 17.66
C ALA D 121 -13.87 -15.48 17.05
N SER D 122 -12.86 -14.74 16.60
CA SER D 122 -11.69 -15.36 15.98
C SER D 122 -10.94 -16.25 16.97
N LYS D 123 -10.79 -15.76 18.20
CA LYS D 123 -10.14 -16.55 19.24
C LYS D 123 -10.92 -17.85 19.49
N ALA D 124 -12.24 -17.72 19.58
CA ALA D 124 -13.11 -18.84 19.94
C ALA D 124 -13.13 -19.97 18.90
N VAL D 125 -13.05 -19.63 17.62
CA VAL D 125 -13.07 -20.68 16.57
C VAL D 125 -11.73 -21.35 16.37
N LEU D 126 -10.70 -20.77 16.94
CA LEU D 126 -9.32 -21.12 16.59
C LEU D 126 -8.91 -22.54 16.96
N ARG D 127 -9.21 -22.92 18.19
CA ARG D 127 -8.86 -24.27 18.68
C ARG D 127 -9.37 -25.34 17.73
N GLY D 128 -10.65 -25.25 17.38
CA GLY D 128 -11.27 -26.22 16.47
C GLY D 128 -10.63 -26.21 15.09
N MET D 129 -10.42 -25.02 14.54
CA MET D 129 -9.79 -24.92 13.21
C MET D 129 -8.38 -25.50 13.22
N MET D 130 -7.62 -25.19 14.26
CA MET D 130 -6.27 -25.76 14.37
C MET D 130 -6.28 -27.28 14.47
N LYS D 131 -7.22 -27.83 15.22
CA LYS D 131 -7.36 -29.29 15.36
C LYS D 131 -7.67 -29.93 14.00
N GLN D 132 -8.57 -29.30 13.24
CA GLN D 132 -8.91 -29.77 11.88
C GLN D 132 -7.82 -29.51 10.84
N ARG D 133 -6.87 -28.65 11.16
CA ARG D 133 -5.83 -28.21 10.21
C ARG D 133 -6.47 -27.67 8.93
N ALA D 134 -7.54 -26.91 9.13
CA ALA D 134 -8.27 -26.31 8.03
C ALA D 134 -9.15 -25.20 8.55
N GLY D 135 -9.18 -24.10 7.82
CA GLY D 135 -10.10 -23.05 8.16
C GLY D 135 -10.04 -21.83 7.27
N ARG D 136 -11.09 -21.04 7.41
CA ARG D 136 -11.22 -19.75 6.76
C ARG D 136 -11.80 -18.74 7.72
N ILE D 137 -11.10 -17.63 7.90
CA ILE D 137 -11.65 -16.48 8.58
C ILE D 137 -11.64 -15.32 7.62
N ILE D 138 -12.80 -14.71 7.45
CA ILE D 138 -12.98 -13.65 6.47
C ILE D 138 -13.66 -12.48 7.16
N ASN D 139 -12.96 -11.37 7.19
CA ASN D 139 -13.43 -10.17 7.85
C ASN D 139 -13.89 -9.11 6.85
N ILE D 140 -15.09 -8.58 7.08
CA ILE D 140 -15.64 -7.56 6.20
C ILE D 140 -15.22 -6.21 6.76
N THR D 141 -14.37 -5.53 5.99
CA THR D 141 -13.82 -4.25 6.39
C THR D 141 -14.09 -3.23 5.29
N SER D 142 -14.46 -2.03 5.66
CA SER D 142 -14.87 -1.02 4.68
C SER D 142 -13.66 -0.35 4.04
N VAL D 143 -13.82 0.11 2.80
CA VAL D 143 -12.81 0.96 2.16
C VAL D 143 -12.37 2.12 3.07
N VAL D 144 -13.28 2.59 3.93
CA VAL D 144 -12.99 3.73 4.83
C VAL D 144 -11.84 3.38 5.79
N GLY D 145 -11.66 2.09 6.08
CA GLY D 145 -10.53 1.62 6.91
C GLY D 145 -9.18 1.86 6.26
N VAL D 146 -9.16 1.93 4.94
CA VAL D 146 -7.91 2.11 4.20
C VAL D 146 -7.69 3.57 3.80
N MET D 147 -8.74 4.26 3.43
CA MET D 147 -8.57 5.63 2.96
C MET D 147 -8.94 6.69 3.98
N GLY D 148 -9.65 6.29 5.03
CA GLY D 148 -10.16 7.21 6.04
C GLY D 148 -11.42 7.91 5.54
N ASN D 149 -12.18 8.47 6.46
CA ASN D 149 -13.39 9.23 6.12
C ASN D 149 -13.77 10.22 7.22
N ALA D 150 -13.96 11.48 6.83
CA ALA D 150 -14.42 12.52 7.75
C ALA D 150 -15.74 12.07 8.40
N GLY D 151 -15.86 12.28 9.71
CA GLY D 151 -17.06 11.89 10.46
C GLY D 151 -17.00 10.47 10.98
N GLN D 152 -15.96 9.75 10.62
CA GLN D 152 -15.85 8.33 10.95
C GLN D 152 -14.50 7.94 11.50
N THR D 153 -13.91 8.79 12.33
CA THR D 153 -12.64 8.45 13.00
C THR D 153 -12.76 7.14 13.77
N ASN D 154 -13.92 6.93 14.39
CA ASN D 154 -14.15 5.71 15.17
C ASN D 154 -14.30 4.46 14.30
N TYR D 155 -15.18 4.55 13.32
CA TYR D 155 -15.45 3.43 12.40
C TYR D 155 -14.20 3.04 11.60
N ALA D 156 -13.52 4.06 11.07
CA ALA D 156 -12.28 3.87 10.32
C ALA D 156 -11.19 3.23 11.16
N ALA D 157 -11.06 3.67 12.40
CA ALA D 157 -10.05 3.11 13.31
C ALA D 157 -10.33 1.63 13.56
N ALA D 158 -11.59 1.31 13.78
CA ALA D 158 -12.00 -0.08 14.00
C ALA D 158 -11.77 -0.96 12.77
N LYS D 159 -12.17 -0.47 11.60
CA LYS D 159 -12.02 -1.23 10.34
C LYS D 159 -10.54 -1.39 9.93
N ALA D 160 -9.76 -0.34 10.11
CA ALA D 160 -8.32 -0.43 9.89
C ALA D 160 -7.67 -1.40 10.89
N GLY D 161 -8.11 -1.33 12.14
CA GLY D 161 -7.60 -2.23 13.18
C GLY D 161 -7.87 -3.68 12.86
N LEU D 162 -9.03 -3.91 12.29
CA LEU D 162 -9.45 -5.22 11.85
C LEU D 162 -8.49 -5.84 10.81
N ILE D 163 -8.02 -4.99 9.91
CA ILE D 163 -7.04 -5.40 8.91
C ILE D 163 -5.70 -5.76 9.58
N GLY D 164 -5.22 -4.92 10.49
CA GLY D 164 -3.99 -5.22 11.24
C GLY D 164 -4.08 -6.51 12.03
N PHE D 165 -5.20 -6.67 12.72
CA PHE D 165 -5.52 -7.92 13.41
C PHE D 165 -5.42 -9.14 12.49
N SER D 166 -6.08 -9.05 11.33
CA SER D 166 -6.14 -10.15 10.36
C SER D 166 -4.79 -10.57 9.84
N LYS D 167 -3.95 -9.61 9.50
CA LYS D 167 -2.58 -9.88 9.06
C LYS D 167 -1.77 -10.62 10.12
N SER D 168 -1.90 -10.18 11.36
CA SER D 168 -1.19 -10.79 12.48
C SER D 168 -1.69 -12.21 12.72
N MET D 169 -3.01 -12.37 12.73
CA MET D 169 -3.61 -13.70 12.90
C MET D 169 -3.18 -14.66 11.79
N ALA D 170 -3.18 -14.15 10.57
CA ALA D 170 -2.75 -14.94 9.39
C ALA D 170 -1.35 -15.52 9.61
N ARG D 171 -0.47 -14.71 10.17
CA ARG D 171 0.90 -15.15 10.45
C ARG D 171 0.97 -16.20 11.56
N GLU D 172 0.05 -16.14 12.52
CA GLU D 172 0.00 -17.11 13.63
C GLU D 172 -0.56 -18.47 13.25
N VAL D 173 -1.55 -18.49 12.37
CA VAL D 173 -2.34 -19.70 12.14
C VAL D 173 -2.04 -20.37 10.80
N GLY D 174 -1.23 -19.73 9.99
CA GLY D 174 -0.95 -20.20 8.65
C GLY D 174 -0.32 -21.57 8.56
N SER D 175 0.52 -21.92 9.53
CA SER D 175 1.21 -23.23 9.51
C SER D 175 0.21 -24.41 9.62
N ARG D 176 -0.99 -24.11 10.12
CA ARG D 176 -2.07 -25.10 10.22
C ARG D 176 -3.02 -25.06 9.02
N GLY D 177 -2.67 -24.30 8.00
CA GLY D 177 -3.47 -24.23 6.77
C GLY D 177 -4.67 -23.28 6.82
N ILE D 178 -4.83 -22.58 7.93
CA ILE D 178 -5.93 -21.62 8.10
C ILE D 178 -5.57 -20.29 7.41
N THR D 179 -6.47 -19.79 6.58
CA THR D 179 -6.27 -18.47 5.96
C THR D 179 -7.16 -17.41 6.61
N VAL D 180 -6.64 -16.20 6.65
CA VAL D 180 -7.32 -15.07 7.24
C VAL D 180 -7.19 -13.91 6.28
N ASN D 181 -8.34 -13.45 5.79
CA ASN D 181 -8.41 -12.38 4.79
C ASN D 181 -9.53 -11.38 5.11
N CYS D 182 -9.42 -10.21 4.50
CA CYS D 182 -10.47 -9.21 4.58
C CYS D 182 -11.03 -8.92 3.20
N VAL D 183 -12.30 -8.58 3.18
CA VAL D 183 -12.95 -8.04 1.98
C VAL D 183 -13.36 -6.62 2.30
N ALA D 184 -12.96 -5.70 1.43
CA ALA D 184 -13.24 -4.27 1.60
C ALA D 184 -14.26 -3.74 0.58
N PRO D 185 -15.52 -3.63 0.98
CA PRO D 185 -16.51 -3.03 0.11
C PRO D 185 -16.29 -1.53 -0.06
N GLY D 186 -16.58 -1.04 -1.26
CA GLY D 186 -16.66 0.38 -1.55
C GLY D 186 -18.10 0.86 -1.41
N PHE D 187 -18.60 1.53 -2.45
CA PHE D 187 -19.99 1.98 -2.53
C PHE D 187 -20.88 0.85 -3.00
N ILE D 188 -21.55 0.22 -2.06
CA ILE D 188 -22.46 -0.89 -2.33
C ILE D 188 -23.89 -0.40 -2.12
N ASP D 189 -24.78 -0.72 -3.07
CA ASP D 189 -26.21 -0.30 -3.04
C ASP D 189 -26.99 -0.87 -1.86
N THR D 190 -27.81 0.00 -1.27
CA THR D 190 -28.66 -0.33 -0.13
C THR D 190 -30.00 0.39 -0.26
N ARG D 201 -26.28 10.88 -6.54
CA ARG D 201 -25.76 9.58 -6.94
C ARG D 201 -24.56 9.71 -7.89
N GLN D 202 -24.67 10.65 -8.83
CA GLN D 202 -23.62 10.89 -9.82
C GLN D 202 -22.27 11.24 -9.18
N THR D 203 -22.28 11.98 -8.08
CA THR D 203 -21.03 12.38 -7.40
C THR D 203 -20.32 11.16 -6.80
N PHE D 204 -21.09 10.20 -6.32
CA PHE D 204 -20.53 8.94 -5.84
C PHE D 204 -20.04 8.06 -7.00
N THR D 205 -20.89 7.84 -8.00
CA THR D 205 -20.52 6.94 -9.12
C THR D 205 -19.32 7.48 -9.90
N ALA D 206 -19.21 8.79 -10.00
CA ALA D 206 -18.05 9.44 -10.67
C ALA D 206 -16.71 9.07 -10.03
N GLN D 207 -16.75 8.74 -8.75
CA GLN D 207 -15.54 8.30 -8.04
C GLN D 207 -15.11 6.88 -8.40
N THR D 208 -16.00 6.10 -8.99
CA THR D 208 -15.68 4.73 -9.43
C THR D 208 -15.22 4.69 -10.88
N ALA D 209 -14.42 3.70 -11.22
CA ALA D 209 -14.02 3.49 -12.62
C ALA D 209 -15.16 2.89 -13.42
N LEU D 210 -15.99 2.08 -12.76
CA LEU D 210 -17.07 1.37 -13.46
C LEU D 210 -18.31 2.23 -13.65
N GLY D 211 -18.35 3.36 -12.94
CA GLY D 211 -19.43 4.32 -13.09
C GLY D 211 -20.76 3.87 -12.52
N ARG D 212 -20.72 3.07 -11.47
CA ARG D 212 -21.94 2.58 -10.82
C ARG D 212 -21.68 2.09 -9.40
N PHE D 213 -22.74 2.03 -8.60
CA PHE D 213 -22.70 1.39 -7.28
C PHE D 213 -22.61 -0.12 -7.46
N GLY D 214 -21.98 -0.80 -6.50
CA GLY D 214 -21.96 -2.26 -6.47
C GLY D 214 -23.19 -2.86 -5.80
N ASP D 215 -23.25 -4.18 -5.84
CA ASP D 215 -24.33 -4.95 -5.22
C ASP D 215 -23.81 -5.76 -4.03
N ALA D 216 -24.66 -5.99 -3.04
CA ALA D 216 -24.31 -6.85 -1.90
C ALA D 216 -23.77 -8.20 -2.38
N GLN D 217 -24.35 -8.71 -3.46
CA GLN D 217 -23.91 -9.99 -4.05
C GLN D 217 -22.45 -9.97 -4.51
N ASP D 218 -21.96 -8.81 -4.93
CA ASP D 218 -20.54 -8.69 -5.33
C ASP D 218 -19.62 -9.01 -4.15
N ILE D 219 -20.02 -8.57 -2.96
CA ILE D 219 -19.23 -8.85 -1.75
C ILE D 219 -19.33 -10.34 -1.41
N ALA D 220 -20.55 -10.86 -1.44
CA ALA D 220 -20.78 -12.29 -1.21
C ALA D 220 -19.97 -13.17 -2.18
N ASP D 221 -19.89 -12.76 -3.43
CA ASP D 221 -19.11 -13.52 -4.45
C ASP D 221 -17.63 -13.61 -4.05
N ALA D 222 -17.09 -12.49 -3.59
CA ALA D 222 -15.69 -12.42 -3.15
C ALA D 222 -15.44 -13.28 -1.90
N VAL D 223 -16.39 -13.27 -0.97
CA VAL D 223 -16.31 -14.07 0.25
C VAL D 223 -16.33 -15.57 -0.09
N LEU D 224 -17.22 -15.96 -1.00
CA LEU D 224 -17.27 -17.36 -1.46
C LEU D 224 -15.93 -17.80 -2.06
N PHE D 225 -15.36 -16.96 -2.91
CA PHE D 225 -14.05 -17.25 -3.49
C PHE D 225 -13.02 -17.50 -2.39
N LEU D 226 -12.94 -16.57 -1.46
CA LEU D 226 -11.94 -16.67 -0.36
C LEU D 226 -12.18 -17.87 0.57
N ALA D 227 -13.45 -18.20 0.77
CA ALA D 227 -13.85 -19.34 1.62
C ALA D 227 -13.56 -20.69 0.97
N SER D 228 -13.32 -20.69 -0.32
CA SER D 228 -13.19 -21.94 -1.06
C SER D 228 -11.76 -22.42 -1.21
N ASP D 229 -11.64 -23.62 -1.74
CA ASP D 229 -10.34 -24.21 -2.12
C ASP D 229 -9.60 -23.42 -3.21
N GLN D 230 -10.31 -22.55 -3.92
CA GLN D 230 -9.70 -21.70 -4.96
C GLN D 230 -8.78 -20.62 -4.40
N ALA D 231 -8.84 -20.41 -3.09
CA ALA D 231 -8.07 -19.34 -2.41
C ALA D 231 -7.17 -19.90 -1.31
N LYS D 232 -6.74 -21.15 -1.46
CA LYS D 232 -5.96 -21.82 -0.41
C LYS D 232 -4.57 -21.21 -0.17
N TYR D 233 -4.05 -20.47 -1.15
CA TYR D 233 -2.73 -19.85 -1.03
C TYR D 233 -2.80 -18.33 -0.84
N ILE D 234 -4.00 -17.85 -0.54
CA ILE D 234 -4.24 -16.43 -0.29
C ILE D 234 -4.48 -16.22 1.19
N THR D 235 -3.59 -15.48 1.83
CA THR D 235 -3.78 -15.15 3.23
C THR D 235 -3.15 -13.82 3.58
N GLY D 236 -3.75 -13.18 4.57
CA GLY D 236 -3.34 -11.84 5.00
C GLY D 236 -3.66 -10.72 4.03
N GLN D 237 -4.60 -10.96 3.12
CA GLN D 237 -4.91 -9.99 2.06
C GLN D 237 -6.18 -9.21 2.33
N THR D 238 -6.25 -8.04 1.73
CA THR D 238 -7.45 -7.23 1.70
C THR D 238 -7.90 -7.15 0.25
N LEU D 239 -9.01 -7.81 -0.04
CA LEU D 239 -9.59 -7.80 -1.38
C LEU D 239 -10.62 -6.66 -1.51
N HIS D 240 -10.28 -5.67 -2.31
CA HIS D 240 -11.13 -4.50 -2.51
C HIS D 240 -12.14 -4.74 -3.61
N VAL D 241 -13.41 -4.54 -3.30
CA VAL D 241 -14.50 -4.67 -4.28
C VAL D 241 -15.25 -3.35 -4.34
N ASN D 242 -14.63 -2.37 -5.00
CA ASN D 242 -15.12 -0.99 -4.97
C ASN D 242 -15.40 -0.35 -6.34
N GLY D 243 -15.33 -1.15 -7.40
CA GLY D 243 -15.57 -0.63 -8.76
C GLY D 243 -14.50 0.33 -9.21
N GLY D 244 -13.33 0.24 -8.58
CA GLY D 244 -12.19 1.09 -8.88
C GLY D 244 -12.12 2.42 -8.14
N MET D 245 -12.91 2.59 -7.09
CA MET D 245 -12.86 3.83 -6.30
C MET D 245 -11.52 4.04 -5.59
N LEU D 246 -10.89 2.94 -5.25
CA LEU D 246 -9.56 2.97 -4.66
C LEU D 246 -8.76 1.83 -5.24
N MET D 247 -7.56 2.13 -5.73
CA MET D 247 -6.69 1.14 -6.38
C MET D 247 -5.32 1.09 -5.70
N PRO D 248 -5.23 0.40 -4.56
CA PRO D 248 -3.97 0.36 -3.78
C PRO D 248 -2.83 -0.36 -4.49
#